data_8YF2
#
_entry.id   8YF2
#
_cell.length_a   1.00
_cell.length_b   1.00
_cell.length_c   1.00
_cell.angle_alpha   90.00
_cell.angle_beta   90.00
_cell.angle_gamma   90.00
#
_symmetry.space_group_name_H-M   'P 1'
#
loop_
_entity.id
_entity.type
_entity.pdbx_description
1 polymer 'Spike protein S1'
2 polymer 'Angiotensin-converting enzyme'
3 branched 2-acetamido-2-deoxy-beta-D-glucopyranose-(1-4)-2-acetamido-2-deoxy-beta-D-glucopyranose
4 non-polymer 'ZINC ION'
5 non-polymer 2-acetamido-2-deoxy-beta-D-glucopyranose
#
loop_
_entity_poly.entity_id
_entity_poly.type
_entity_poly.pdbx_seq_one_letter_code
_entity_poly.pdbx_strand_id
1 'polypeptide(L)'
;RVQPTESIVRFPNITNLCPFGEVFNATRFASVYAWNRKRISNCVADYSVLYNSASFSTFKCYGVSPTKLNDLCFTNVYAD
SFVIRGDEVRQIAPGQTGKIADYNYKLPDDFTGCVIAWNSNNLDSKVGGNYNYLYRLFRKSNLKPFERDISTEIYQAGST
PCNGVEGFNCYFPLQSYGFQPTNGVGYQPYRVVVLSFELLHAPATVCGPKKSTNLVKNKCVNFHHHHHH
;
B
2 'polypeptide(L)'
;QSTEDLVNTFLEKFNYEAEELSYQSSLASWNYNTNITDENLQKMNNAGAKWSAFYEEQSKLAKTYPLEEIQDSTVKRQLR
ALQHSGSSVLSADKNQRLNTILNSMSTIYSTGKACNPSNPQECLLLEPGLDDIMENSKDYNERLWAWEGWRSEVGKQLRP
LYEEYVALKNEMARANNYEDYGDYWRGDYEEEWENGYNYSRNQLIDDVEHTFTQIMPLYQHLHAYVRTKLMDTYPSYISP
TGCLPAHLLGDMWGRFWTNLYPLTVPFGQKPNIDVTNAMVNQSWDARKIFKEAEKFFVSVGLPNMTQGFWENSMLTEPSD
SWKVVCHPTAWDLGRGDFRIKMCTKVTMDDFLTAHHEMGHIQYDMAYAAQPFLLRNGANEGFHEAVGEIMSLSAATPNHL
KNIGLLPPSFFEDSETEINFLLKQALTIVGTLPFTYMLEKWRWMVFKGEIPKDQWMKTWWEMKRNIVGVVEPVPHDETYC
DPASLFHVANDYSFIRYYTRTIYQFQFQEALCQIAKHEGPLHKCDISNSSEAGQKLLEMLKLGKSKPWTYALEIVVGAKN
MDVRPLLNYFEPLFTWLKEQNRNSFVGWNTDWSPYADQSHHHHHH
;
A
#
# COMPACT_ATOMS: atom_id res chain seq x y z
N LEU A 17 55.83 7.23 -6.31
CA LEU A 17 56.55 7.70 -7.49
C LEU A 17 55.65 7.67 -8.72
N CYS A 18 54.59 6.87 -8.65
CA CYS A 18 53.69 6.66 -9.77
C CYS A 18 52.25 6.93 -9.35
N PRO A 19 51.36 7.22 -10.29
CA PRO A 19 50.03 7.71 -9.90
C PRO A 19 49.04 6.63 -9.49
N PHE A 20 49.07 6.23 -8.21
CA PHE A 20 47.83 5.74 -7.61
C PHE A 20 47.11 6.96 -7.03
N GLY A 21 47.08 8.04 -7.79
CA GLY A 21 46.28 9.20 -7.45
C GLY A 21 45.40 9.63 -8.59
N GLU A 22 45.84 9.35 -9.82
CA GLU A 22 45.11 9.71 -11.02
C GLU A 22 44.12 8.63 -11.43
N VAL A 23 44.05 7.55 -10.66
CA VAL A 23 43.03 6.52 -10.84
C VAL A 23 41.94 6.62 -9.79
N PHE A 24 42.21 7.26 -8.66
CA PHE A 24 41.30 7.24 -7.52
C PHE A 24 40.47 8.52 -7.34
N ASN A 25 40.99 9.69 -7.70
CA ASN A 25 40.21 10.92 -7.60
C ASN A 25 40.14 11.61 -8.95
N ALA A 26 39.98 10.84 -10.01
CA ALA A 26 39.78 11.40 -11.33
C ALA A 26 38.40 12.06 -11.43
N THR A 27 38.30 13.07 -12.28
CA THR A 27 37.06 13.82 -12.40
C THR A 27 35.92 12.98 -12.97
N ARG A 28 36.21 12.20 -14.00
CA ARG A 28 35.19 11.43 -14.71
C ARG A 28 35.56 9.96 -14.74
N PHE A 29 34.62 9.11 -14.34
CA PHE A 29 34.78 7.67 -14.41
C PHE A 29 34.07 7.12 -15.64
N ALA A 30 34.32 5.85 -15.92
CA ALA A 30 33.81 5.21 -17.12
C ALA A 30 32.60 4.33 -16.81
N SER A 31 31.83 4.04 -17.86
CA SER A 31 30.70 3.14 -17.74
C SER A 31 31.18 1.71 -17.53
N VAL A 32 30.29 0.88 -16.98
CA VAL A 32 30.68 -0.50 -16.64
C VAL A 32 30.88 -1.33 -17.91
N TYR A 33 30.06 -1.11 -18.94
CA TYR A 33 30.19 -1.91 -20.15
C TYR A 33 31.42 -1.52 -20.96
N ALA A 34 31.99 -0.35 -20.71
CA ALA A 34 33.26 0.07 -21.29
C ALA A 34 34.18 0.47 -20.15
N TRP A 35 34.85 -0.52 -19.56
CA TRP A 35 35.66 -0.27 -18.37
C TRP A 35 37.09 0.04 -18.77
N ASN A 36 37.64 1.08 -18.15
CA ASN A 36 38.94 1.62 -18.49
C ASN A 36 40.06 0.85 -17.79
N ARG A 37 41.14 0.62 -18.51
CA ARG A 37 42.30 -0.12 -18.00
C ARG A 37 43.50 0.80 -17.94
N LYS A 38 44.19 0.81 -16.79
CA LYS A 38 45.39 1.60 -16.59
C LYS A 38 46.48 0.69 -16.03
N ARG A 39 47.65 0.69 -16.66
CA ARG A 39 48.75 -0.18 -16.27
C ARG A 39 49.85 0.66 -15.62
N ILE A 40 50.38 0.18 -14.50
CA ILE A 40 51.40 0.88 -13.73
C ILE A 40 52.65 0.03 -13.71
N SER A 41 53.79 0.64 -14.05
CA SER A 41 55.06 -0.08 -14.11
C SER A 41 56.18 0.90 -13.83
N ASN A 42 57.35 0.33 -13.46
CA ASN A 42 58.55 1.11 -13.17
C ASN A 42 58.29 2.13 -12.05
N CYS A 43 57.98 1.62 -10.87
CA CYS A 43 57.49 2.46 -9.79
C CYS A 43 57.78 1.80 -8.45
N VAL A 44 57.45 2.51 -7.38
CA VAL A 44 57.49 1.99 -6.02
C VAL A 44 56.08 2.02 -5.45
N ALA A 45 55.59 0.86 -5.04
CA ALA A 45 54.19 0.69 -4.66
C ALA A 45 54.01 0.94 -3.17
N ASP A 46 53.19 1.94 -2.84
CA ASP A 46 52.88 2.29 -1.45
C ASP A 46 51.43 1.89 -1.19
N TYR A 47 51.25 0.73 -0.58
CA TYR A 47 49.91 0.19 -0.33
C TYR A 47 49.40 0.51 1.06
N SER A 48 50.17 1.24 1.87
CA SER A 48 49.70 1.68 3.18
C SER A 48 48.92 2.98 3.12
N VAL A 49 49.18 3.83 2.12
CA VAL A 49 48.41 5.07 1.95
C VAL A 49 47.02 4.83 1.42
N LEU A 50 46.64 3.59 1.16
CA LEU A 50 45.32 3.22 0.68
C LEU A 50 44.48 2.52 1.74
N TYR A 51 45.08 1.61 2.50
CA TYR A 51 44.33 0.84 3.48
C TYR A 51 43.95 1.67 4.71
N ASN A 52 44.66 2.77 4.96
CA ASN A 52 44.39 3.62 6.10
C ASN A 52 43.70 4.93 5.71
N SER A 53 43.01 4.92 4.56
CA SER A 53 42.26 6.09 4.13
C SER A 53 40.96 6.27 4.91
N ALA A 54 40.40 5.18 5.44
CA ALA A 54 39.19 5.20 6.27
C ALA A 54 37.99 5.77 5.52
N SER A 55 38.02 5.73 4.19
CA SER A 55 36.90 6.20 3.38
C SER A 55 36.48 5.16 2.36
N PHE A 56 36.75 3.88 2.62
CA PHE A 56 36.47 2.79 1.69
C PHE A 56 35.48 1.84 2.35
N SER A 57 34.37 1.56 1.67
CA SER A 57 33.38 0.64 2.22
C SER A 57 33.88 -0.80 2.20
N THR A 58 34.54 -1.21 1.12
CA THR A 58 35.05 -2.57 0.97
C THR A 58 36.51 -2.52 0.56
N PHE A 59 37.34 -3.33 1.21
CA PHE A 59 38.77 -3.44 0.93
C PHE A 59 39.20 -4.90 0.88
N LYS A 60 38.44 -5.74 0.18
CA LYS A 60 38.71 -7.16 0.14
C LYS A 60 39.82 -7.47 -0.85
N CYS A 61 40.73 -8.36 -0.45
CA CYS A 61 41.86 -8.76 -1.28
C CYS A 61 41.92 -10.27 -1.35
N TYR A 62 42.03 -10.81 -2.56
CA TYR A 62 42.08 -12.25 -2.79
C TYR A 62 43.47 -12.65 -3.29
N GLY A 63 43.94 -13.81 -2.80
CA GLY A 63 45.19 -14.37 -3.23
C GLY A 63 46.42 -13.81 -2.53
N VAL A 64 46.31 -12.66 -1.88
CA VAL A 64 47.38 -12.06 -1.12
C VAL A 64 46.79 -11.54 0.19
N SER A 65 47.63 -10.91 0.99
CA SER A 65 47.17 -10.24 2.20
C SER A 65 47.54 -8.77 2.15
N PRO A 66 46.68 -7.88 2.63
CA PRO A 66 47.01 -6.45 2.60
C PRO A 66 48.25 -6.08 3.37
N THR A 67 48.60 -6.87 4.40
CA THR A 67 49.78 -6.57 5.18
C THR A 67 51.07 -6.93 4.45
N LYS A 68 51.06 -8.03 3.70
CA LYS A 68 52.26 -8.53 3.03
C LYS A 68 52.39 -8.02 1.60
N LEU A 69 51.57 -7.04 1.21
CA LEU A 69 51.65 -6.51 -0.15
C LEU A 69 52.94 -5.75 -0.42
N ASN A 70 53.63 -5.29 0.62
CA ASN A 70 54.84 -4.50 0.45
C ASN A 70 56.09 -5.34 0.26
N ASP A 71 56.03 -6.66 0.49
CA ASP A 71 57.24 -7.46 0.51
C ASP A 71 57.54 -8.09 -0.86
N LEU A 72 56.64 -8.93 -1.37
CA LEU A 72 56.83 -9.55 -2.66
C LEU A 72 56.29 -8.62 -3.74
N CYS A 73 57.11 -8.54 -4.80
CA CYS A 73 56.88 -7.60 -5.92
C CYS A 73 56.44 -8.33 -7.17
N PHE A 74 56.03 -7.59 -8.20
CA PHE A 74 55.66 -8.20 -9.47
C PHE A 74 56.24 -7.40 -10.62
N THR A 75 55.83 -7.79 -11.83
CA THR A 75 56.29 -7.10 -13.04
C THR A 75 55.36 -5.95 -13.41
N ASN A 76 54.06 -6.23 -13.46
CA ASN A 76 53.07 -5.24 -13.88
C ASN A 76 51.83 -5.34 -12.98
N VAL A 77 51.13 -4.23 -12.84
CA VAL A 77 49.87 -4.18 -12.12
C VAL A 77 48.85 -3.46 -12.99
N TYR A 78 47.64 -4.01 -13.04
CA TYR A 78 46.57 -3.48 -13.88
C TYR A 78 45.43 -2.95 -13.01
N ALA A 79 44.94 -1.76 -13.35
CA ALA A 79 43.87 -1.10 -12.61
C ALA A 79 42.69 -0.85 -13.53
N ASP A 80 41.50 -1.27 -13.09
CA ASP A 80 40.27 -1.07 -13.84
C ASP A 80 39.28 -0.32 -12.95
N SER A 81 38.59 0.66 -13.53
CA SER A 81 37.66 1.50 -12.79
C SER A 81 36.35 1.63 -13.58
N PHE A 82 35.24 1.71 -12.85
CA PHE A 82 33.91 1.86 -13.43
C PHE A 82 32.94 2.25 -12.33
N VAL A 83 31.68 2.44 -12.69
CA VAL A 83 30.64 2.87 -11.76
C VAL A 83 29.47 1.89 -11.86
N ILE A 84 29.03 1.38 -10.70
CA ILE A 84 27.91 0.45 -10.61
C ILE A 84 27.00 0.87 -9.47
N ARG A 85 25.96 0.07 -9.22
CA ARG A 85 25.01 0.35 -8.16
C ARG A 85 25.58 -0.05 -6.81
N GLY A 86 24.79 0.15 -5.76
CA GLY A 86 25.21 -0.18 -4.41
C GLY A 86 25.05 -1.64 -4.05
N ASP A 87 24.00 -2.28 -4.56
CA ASP A 87 23.72 -3.67 -4.29
C ASP A 87 24.29 -4.62 -5.34
N GLU A 88 24.95 -4.09 -6.36
CA GLU A 88 25.66 -4.90 -7.35
C GLU A 88 27.14 -5.02 -7.05
N VAL A 89 27.61 -4.42 -5.96
CA VAL A 89 29.03 -4.47 -5.62
C VAL A 89 29.45 -5.90 -5.27
N ARG A 90 28.57 -6.66 -4.61
CA ARG A 90 28.91 -8.01 -4.20
C ARG A 90 29.08 -8.97 -5.38
N GLN A 91 28.69 -8.56 -6.59
CA GLN A 91 28.92 -9.41 -7.75
C GLN A 91 30.34 -9.29 -8.29
N ILE A 92 31.12 -8.32 -7.81
CA ILE A 92 32.53 -8.18 -8.21
C ILE A 92 33.32 -9.07 -7.25
N ALA A 93 33.38 -10.36 -7.57
CA ALA A 93 34.03 -11.36 -6.74
C ALA A 93 34.11 -12.66 -7.53
N PRO A 94 35.08 -13.52 -7.22
CA PRO A 94 35.18 -14.80 -7.94
C PRO A 94 33.94 -15.67 -7.73
N GLY A 95 33.53 -16.35 -8.79
CA GLY A 95 32.44 -17.30 -8.72
C GLY A 95 31.08 -16.72 -8.41
N GLN A 96 30.82 -15.47 -8.78
CA GLN A 96 29.53 -14.85 -8.53
C GLN A 96 28.77 -14.66 -9.84
N THR A 97 27.46 -14.87 -9.78
CA THR A 97 26.58 -14.74 -10.93
C THR A 97 25.60 -13.60 -10.70
N GLY A 98 25.05 -13.10 -11.79
CA GLY A 98 24.14 -11.98 -11.74
C GLY A 98 24.10 -11.28 -13.09
N LYS A 99 23.33 -10.18 -13.12
CA LYS A 99 23.16 -9.44 -14.37
C LYS A 99 24.45 -8.82 -14.86
N ILE A 100 25.26 -8.29 -13.93
CA ILE A 100 26.46 -7.55 -14.31
C ILE A 100 27.72 -8.41 -14.29
N ALA A 101 27.65 -9.62 -13.74
CA ALA A 101 28.81 -10.49 -13.65
C ALA A 101 28.94 -11.44 -14.83
N ASP A 102 28.00 -11.43 -15.78
CA ASP A 102 28.09 -12.26 -16.96
C ASP A 102 27.93 -11.50 -18.27
N TYR A 103 27.54 -10.23 -18.23
CA TYR A 103 27.37 -9.45 -19.44
C TYR A 103 28.25 -8.19 -19.49
N ASN A 104 28.78 -7.74 -18.36
CA ASN A 104 29.57 -6.52 -18.31
C ASN A 104 31.02 -6.75 -17.90
N TYR A 105 31.25 -7.40 -16.77
CA TYR A 105 32.60 -7.52 -16.21
C TYR A 105 32.70 -8.80 -15.42
N LYS A 106 33.66 -9.66 -15.77
CA LYS A 106 33.84 -10.94 -15.11
C LYS A 106 35.27 -11.09 -14.60
N LEU A 107 35.42 -11.85 -13.51
CA LEU A 107 36.70 -12.15 -12.87
C LEU A 107 36.92 -13.67 -12.83
N PRO A 108 38.14 -14.13 -13.02
CA PRO A 108 38.40 -15.57 -13.01
C PRO A 108 38.32 -16.16 -11.61
N ASP A 109 38.20 -17.49 -11.57
CA ASP A 109 38.14 -18.19 -10.29
C ASP A 109 39.47 -18.05 -9.54
N ASP A 110 40.59 -18.19 -10.25
CA ASP A 110 41.92 -18.06 -9.63
C ASP A 110 42.38 -16.60 -9.74
N PHE A 111 41.83 -15.79 -8.85
CA PHE A 111 42.12 -14.37 -8.84
C PHE A 111 43.15 -14.01 -7.79
N THR A 112 43.99 -13.04 -8.13
CA THR A 112 44.99 -12.50 -7.20
C THR A 112 44.93 -10.98 -7.30
N GLY A 113 44.20 -10.35 -6.40
CA GLY A 113 44.05 -8.90 -6.45
C GLY A 113 43.09 -8.41 -5.39
N CYS A 114 42.78 -7.12 -5.48
CA CYS A 114 41.96 -6.44 -4.48
C CYS A 114 40.78 -5.75 -5.15
N VAL A 115 39.69 -5.61 -4.41
CA VAL A 115 38.49 -4.91 -4.86
C VAL A 115 38.20 -3.79 -3.87
N ILE A 116 38.06 -2.57 -4.38
CA ILE A 116 37.90 -1.38 -3.56
C ILE A 116 36.70 -0.59 -4.08
N ALA A 117 35.82 -0.16 -3.18
CA ALA A 117 34.65 0.60 -3.56
C ALA A 117 34.29 1.60 -2.46
N TRP A 118 33.65 2.69 -2.85
CA TRP A 118 33.19 3.70 -1.91
C TRP A 118 32.01 4.46 -2.52
N ASN A 119 31.21 5.07 -1.65
CA ASN A 119 30.01 5.77 -2.06
C ASN A 119 30.35 7.08 -2.78
N SER A 120 29.55 7.42 -3.79
CA SER A 120 29.77 8.61 -4.60
C SER A 120 28.46 9.34 -4.86
N ASN A 121 27.62 9.46 -3.82
CA ASN A 121 26.36 10.16 -3.96
C ASN A 121 26.56 11.65 -4.15
N ASN A 122 27.58 12.23 -3.52
CA ASN A 122 27.81 13.67 -3.56
C ASN A 122 28.27 14.16 -4.93
N LEU A 123 28.70 13.28 -5.83
CA LEU A 123 29.22 13.68 -7.13
C LEU A 123 28.38 13.19 -8.28
N ASP A 124 28.08 11.90 -8.35
CA ASP A 124 27.40 11.32 -9.51
C ASP A 124 25.89 11.21 -9.26
N SER A 125 25.25 12.36 -9.10
CA SER A 125 23.81 12.41 -8.91
C SER A 125 23.32 13.83 -9.18
N LYS A 126 22.19 13.94 -9.87
CA LYS A 126 21.58 15.22 -10.16
C LYS A 126 20.08 15.13 -9.91
N VAL A 127 19.47 16.30 -9.67
CA VAL A 127 18.04 16.33 -9.37
C VAL A 127 17.22 15.86 -10.57
N GLY A 128 17.61 16.27 -11.78
CA GLY A 128 16.90 15.84 -12.96
C GLY A 128 17.20 14.42 -13.39
N GLY A 129 18.22 13.81 -12.79
CA GLY A 129 18.58 12.44 -13.12
C GLY A 129 19.73 12.34 -14.11
N ASN A 130 20.88 11.91 -13.62
CA ASN A 130 22.02 11.67 -14.50
C ASN A 130 21.72 10.51 -15.44
N TYR A 131 22.14 10.64 -16.70
CA TYR A 131 21.83 9.63 -17.70
C TYR A 131 23.05 9.29 -18.55
N ASN A 132 24.25 9.56 -18.07
CA ASN A 132 25.48 9.31 -18.83
C ASN A 132 26.14 8.00 -18.44
N TYR A 133 25.55 7.22 -17.55
CA TYR A 133 26.09 5.93 -17.14
C TYR A 133 25.16 4.83 -17.63
N LEU A 134 25.73 3.85 -18.33
CA LEU A 134 24.95 2.80 -18.95
C LEU A 134 25.45 1.44 -18.50
N TYR A 135 24.68 0.41 -18.86
CA TYR A 135 25.07 -0.98 -18.65
C TYR A 135 24.32 -1.84 -19.65
N ARG A 136 24.84 -3.04 -19.88
CA ARG A 136 24.31 -3.96 -20.87
C ARG A 136 23.48 -5.04 -20.19
N LEU A 137 22.28 -5.28 -20.71
CA LEU A 137 21.37 -6.25 -20.12
C LEU A 137 20.90 -7.33 -21.09
N PHE A 138 21.36 -7.31 -22.33
CA PHE A 138 21.01 -8.34 -23.30
C PHE A 138 22.26 -8.78 -24.05
N ARG A 139 22.47 -10.09 -24.14
CA ARG A 139 23.62 -10.63 -24.85
C ARG A 139 23.38 -12.11 -25.11
N LYS A 140 24.01 -12.62 -26.16
CA LYS A 140 23.78 -13.99 -26.58
C LYS A 140 24.49 -15.01 -25.70
N SER A 141 25.64 -14.66 -25.15
CA SER A 141 26.41 -15.60 -24.34
C SER A 141 27.19 -14.84 -23.28
N ASN A 142 27.63 -15.56 -22.26
CA ASN A 142 28.40 -14.98 -21.18
C ASN A 142 29.76 -14.52 -21.68
N LEU A 143 30.38 -13.63 -20.90
CA LEU A 143 31.69 -13.09 -21.21
C LEU A 143 32.78 -13.96 -20.61
N LYS A 144 33.85 -14.17 -21.36
CA LYS A 144 35.04 -14.78 -20.81
C LYS A 144 35.71 -13.79 -19.85
N PRO A 145 36.51 -14.28 -18.91
CA PRO A 145 37.16 -13.37 -17.95
C PRO A 145 38.03 -12.34 -18.66
N PHE A 146 37.97 -11.11 -18.15
CA PHE A 146 38.74 -9.99 -18.69
C PHE A 146 38.45 -9.76 -20.17
N GLU A 147 37.16 -9.72 -20.51
CA GLU A 147 36.71 -9.47 -21.87
C GLU A 147 35.78 -8.27 -21.89
N ARG A 148 35.88 -7.46 -22.94
CA ARG A 148 35.14 -6.22 -23.06
C ARG A 148 34.35 -6.18 -24.35
N ASP A 149 33.16 -5.59 -24.30
CA ASP A 149 32.28 -5.48 -25.45
C ASP A 149 31.79 -4.06 -25.60
N ILE A 150 31.81 -3.54 -26.83
CA ILE A 150 31.41 -2.17 -27.12
C ILE A 150 30.30 -2.10 -28.16
N SER A 151 30.02 -3.18 -28.87
CA SER A 151 29.11 -3.15 -30.01
C SER A 151 27.68 -2.80 -29.55
N THR A 152 26.96 -2.14 -30.45
CA THR A 152 25.59 -1.71 -30.19
C THR A 152 24.62 -2.29 -31.22
N GLU A 153 24.90 -3.49 -31.71
CA GLU A 153 24.01 -4.14 -32.66
C GLU A 153 22.72 -4.56 -31.98
N ILE A 154 21.60 -4.41 -32.69
CA ILE A 154 20.28 -4.65 -32.11
C ILE A 154 20.11 -6.13 -31.80
N TYR A 155 19.62 -6.42 -30.61
CA TYR A 155 19.52 -7.79 -30.13
C TYR A 155 18.32 -8.49 -30.74
N GLN A 156 18.50 -9.75 -31.12
CA GLN A 156 17.47 -10.55 -31.79
C GLN A 156 16.99 -11.62 -30.82
N ALA A 157 15.68 -11.62 -30.56
CA ALA A 157 15.06 -12.61 -29.68
C ALA A 157 14.32 -13.70 -30.42
N GLY A 158 13.47 -13.34 -31.39
CA GLY A 158 12.77 -14.32 -32.20
C GLY A 158 13.59 -14.77 -33.39
N SER A 159 13.00 -15.70 -34.15
CA SER A 159 13.66 -16.22 -35.34
C SER A 159 13.48 -15.35 -36.57
N THR A 160 12.55 -14.40 -36.53
CA THR A 160 12.33 -13.51 -37.67
C THR A 160 13.28 -12.34 -37.58
N PRO A 161 14.22 -12.19 -38.51
CA PRO A 161 15.19 -11.10 -38.40
C PRO A 161 14.56 -9.74 -38.63
N CYS A 162 15.09 -8.73 -37.94
CA CYS A 162 14.71 -7.35 -38.14
C CYS A 162 15.95 -6.57 -38.61
N ASN A 163 15.80 -5.84 -39.70
CA ASN A 163 16.94 -5.26 -40.40
C ASN A 163 17.28 -3.90 -39.81
N GLY A 164 17.99 -3.91 -38.69
CA GLY A 164 18.61 -2.72 -38.15
C GLY A 164 17.67 -1.72 -37.52
N VAL A 165 16.39 -2.05 -37.37
CA VAL A 165 15.41 -1.16 -36.74
C VAL A 165 14.70 -1.93 -35.65
N GLU A 166 14.58 -1.33 -34.47
CA GLU A 166 13.92 -2.00 -33.35
C GLU A 166 12.43 -2.10 -33.60
N GLY A 167 11.87 -3.26 -33.29
CA GLY A 167 10.45 -3.52 -33.47
C GLY A 167 9.97 -4.58 -32.54
N PHE A 168 9.15 -5.50 -33.04
CA PHE A 168 8.67 -6.60 -32.23
C PHE A 168 9.79 -7.60 -31.97
N ASN A 169 10.05 -7.87 -30.69
CA ASN A 169 11.09 -8.81 -30.26
C ASN A 169 12.47 -8.40 -30.80
N CYS A 170 12.72 -7.09 -30.89
CA CYS A 170 14.02 -6.55 -31.22
C CYS A 170 14.31 -5.41 -30.27
N TYR A 171 15.35 -5.55 -29.45
CA TYR A 171 15.60 -4.65 -28.34
C TYR A 171 16.99 -4.04 -28.42
N PHE A 172 17.08 -2.76 -28.09
CA PHE A 172 18.38 -2.12 -27.91
C PHE A 172 19.08 -2.72 -26.69
N PRO A 173 20.37 -2.99 -26.77
CA PRO A 173 21.05 -3.76 -25.71
C PRO A 173 21.55 -2.96 -24.51
N LEU A 174 21.46 -1.64 -24.51
CA LEU A 174 21.98 -0.83 -23.43
C LEU A 174 20.86 -0.05 -22.75
N GLN A 175 21.04 0.20 -21.45
CA GLN A 175 20.10 0.97 -20.66
C GLN A 175 20.87 1.85 -19.69
N SER A 176 20.20 2.86 -19.16
CA SER A 176 20.85 3.93 -18.41
C SER A 176 20.50 3.86 -16.92
N TYR A 177 21.42 4.33 -16.10
CA TYR A 177 21.21 4.46 -14.66
C TYR A 177 20.61 5.84 -14.38
N GLY A 178 19.44 5.85 -13.74
CA GLY A 178 18.80 7.10 -13.35
C GLY A 178 19.17 7.57 -11.96
N PHE A 179 20.41 8.01 -11.78
CA PHE A 179 20.86 8.40 -10.44
C PHE A 179 20.27 9.73 -10.02
N GLN A 180 19.69 9.76 -8.83
CA GLN A 180 19.14 10.97 -8.21
C GLN A 180 19.52 10.97 -6.74
N PRO A 181 19.65 12.16 -6.13
CA PRO A 181 20.11 12.22 -4.74
C PRO A 181 19.14 11.63 -3.73
N THR A 182 17.86 11.49 -4.08
CA THR A 182 16.84 11.05 -3.15
C THR A 182 16.70 9.53 -3.10
N ASN A 183 17.50 8.79 -3.86
CA ASN A 183 17.39 7.34 -3.90
C ASN A 183 17.88 6.73 -2.59
N GLY A 184 17.55 5.46 -2.39
CA GLY A 184 18.02 4.73 -1.23
C GLY A 184 19.47 4.31 -1.36
N VAL A 185 19.99 3.72 -0.28
CA VAL A 185 21.40 3.36 -0.23
C VAL A 185 21.72 2.30 -1.28
N GLY A 186 20.82 1.35 -1.49
CA GLY A 186 21.06 0.30 -2.46
C GLY A 186 20.91 0.73 -3.90
N TYR A 187 20.45 1.95 -4.16
CA TYR A 187 20.29 2.45 -5.51
C TYR A 187 21.14 3.69 -5.79
N GLN A 188 22.17 3.96 -4.96
CA GLN A 188 23.08 5.08 -5.06
C GLN A 188 24.38 4.68 -5.76
N PRO A 189 25.03 5.62 -6.45
CA PRO A 189 26.23 5.27 -7.21
C PRO A 189 27.40 4.90 -6.32
N TYR A 190 28.21 3.95 -6.81
CA TYR A 190 29.42 3.49 -6.15
C TYR A 190 30.53 3.40 -7.18
N ARG A 191 31.74 3.81 -6.78
CA ARG A 191 32.91 3.75 -7.64
C ARG A 191 33.79 2.59 -7.21
N VAL A 192 34.15 1.74 -8.17
CA VAL A 192 34.87 0.49 -7.88
C VAL A 192 36.18 0.47 -8.66
N VAL A 193 37.24 0.05 -7.99
CA VAL A 193 38.56 -0.12 -8.58
C VAL A 193 39.01 -1.55 -8.33
N VAL A 194 39.59 -2.18 -9.35
CA VAL A 194 40.11 -3.54 -9.26
C VAL A 194 41.58 -3.53 -9.66
N LEU A 195 42.42 -4.16 -8.84
CA LEU A 195 43.85 -4.27 -9.11
C LEU A 195 44.21 -5.74 -9.32
N SER A 196 45.00 -6.00 -10.36
CA SER A 196 45.49 -7.33 -10.65
C SER A 196 47.01 -7.32 -10.73
N PHE A 197 47.62 -8.43 -10.32
CA PHE A 197 49.06 -8.53 -10.20
C PHE A 197 49.60 -9.53 -11.22
N GLU A 198 50.60 -9.11 -11.98
CA GLU A 198 51.15 -9.90 -13.07
C GLU A 198 52.56 -10.35 -12.73
N LEU A 199 52.80 -11.65 -12.85
CA LEU A 199 54.12 -12.24 -12.60
C LEU A 199 54.44 -13.18 -13.77
N LEU A 200 55.42 -12.80 -14.58
CA LEU A 200 55.86 -13.61 -15.71
C LEU A 200 57.38 -13.52 -15.79
N HIS A 201 57.93 -13.99 -16.91
CA HIS A 201 59.38 -14.08 -17.04
C HIS A 201 60.05 -12.72 -17.16
N ALA A 202 59.30 -11.66 -17.40
CA ALA A 202 59.88 -10.33 -17.40
C ALA A 202 60.37 -9.99 -16.01
N PRO A 203 61.43 -9.18 -15.89
CA PRO A 203 61.95 -8.84 -14.56
C PRO A 203 60.93 -8.07 -13.74
N ALA A 204 60.91 -8.36 -12.44
CA ALA A 204 60.02 -7.66 -11.52
C ALA A 204 60.57 -6.26 -11.24
N THR A 205 59.71 -5.25 -11.42
CA THR A 205 60.15 -3.86 -11.33
C THR A 205 59.30 -2.98 -10.43
N VAL A 206 58.08 -3.39 -10.08
CA VAL A 206 57.15 -2.52 -9.36
C VAL A 206 57.06 -3.02 -7.92
N CYS A 207 57.67 -2.27 -7.01
CA CYS A 207 57.57 -2.45 -5.55
C CYS A 207 58.38 -1.35 -4.86
N GLY A 208 58.06 -1.12 -3.59
CA GLY A 208 58.32 0.14 -2.96
C GLY A 208 59.18 0.13 -1.70
N PRO A 209 58.60 0.63 -0.60
CA PRO A 209 59.41 1.08 0.55
C PRO A 209 60.35 0.02 1.12
N LYS A 210 61.57 0.47 1.41
CA LYS A 210 62.61 -0.40 1.94
C LYS A 210 63.00 -0.01 3.36
N GLN B 1 13.73 -19.90 -28.03
CA GLN B 1 12.89 -19.33 -29.07
C GLN B 1 11.44 -19.80 -28.84
N SER B 2 11.23 -20.50 -27.74
CA SER B 2 9.89 -20.90 -27.35
C SER B 2 9.08 -19.70 -26.86
N THR B 3 7.83 -19.95 -26.48
CA THR B 3 6.93 -18.90 -26.03
C THR B 3 7.14 -18.54 -24.56
N GLU B 4 8.27 -18.91 -23.99
CA GLU B 4 8.63 -18.53 -22.63
C GLU B 4 9.86 -17.62 -22.57
N ASP B 5 10.87 -17.89 -23.40
CA ASP B 5 12.04 -17.02 -23.44
C ASP B 5 11.67 -15.62 -23.92
N LEU B 6 10.81 -15.53 -24.93
CA LEU B 6 10.36 -14.24 -25.43
C LEU B 6 9.63 -13.47 -24.33
N VAL B 7 8.76 -14.17 -23.59
CA VAL B 7 8.02 -13.52 -22.51
C VAL B 7 8.98 -13.06 -21.42
N ASN B 8 9.99 -13.86 -21.11
CA ASN B 8 10.96 -13.46 -20.10
C ASN B 8 11.72 -12.20 -20.51
N THR B 9 12.15 -12.14 -21.77
CA THR B 9 12.85 -10.95 -22.25
C THR B 9 11.94 -9.72 -22.23
N PHE B 10 10.68 -9.91 -22.67
CA PHE B 10 9.72 -8.82 -22.66
C PHE B 10 9.48 -8.31 -21.25
N LEU B 11 9.36 -9.22 -20.28
CA LEU B 11 9.16 -8.82 -18.90
C LEU B 11 10.38 -8.10 -18.33
N GLU B 12 11.56 -8.55 -18.74
CA GLU B 12 12.80 -7.87 -18.29
C GLU B 12 12.75 -6.43 -18.74
N LYS B 13 12.53 -6.22 -20.04
CA LYS B 13 12.52 -4.87 -20.59
C LYS B 13 11.45 -4.01 -19.95
N PHE B 14 10.24 -4.55 -19.75
CA PHE B 14 9.18 -3.77 -19.14
C PHE B 14 9.51 -3.41 -17.70
N ASN B 15 10.06 -4.36 -16.93
CA ASN B 15 10.40 -4.10 -15.55
C ASN B 15 11.46 -3.00 -15.44
N TYR B 16 12.46 -3.03 -16.32
CA TYR B 16 13.50 -2.02 -16.24
C TYR B 16 13.11 -0.69 -16.87
N GLU B 17 12.02 -0.65 -17.65
CA GLU B 17 11.57 0.63 -18.19
C GLU B 17 10.49 1.31 -17.35
N ALA B 18 9.68 0.55 -16.61
CA ALA B 18 8.55 1.15 -15.91
C ALA B 18 8.99 1.91 -14.65
N GLU B 19 10.12 1.51 -14.05
CA GLU B 19 10.54 2.11 -12.79
C GLU B 19 10.82 3.60 -12.93
N GLU B 20 11.46 3.96 -14.03
CA GLU B 20 11.83 5.36 -14.26
C GLU B 20 10.57 6.21 -14.26
N LEU B 21 9.61 5.88 -15.10
CA LEU B 21 8.39 6.66 -15.25
C LEU B 21 7.60 6.68 -13.95
N SER B 22 7.51 5.55 -13.25
CA SER B 22 6.77 5.52 -11.99
C SER B 22 7.42 6.45 -10.96
N TYR B 23 8.75 6.41 -10.86
CA TYR B 23 9.45 7.26 -9.91
C TYR B 23 9.25 8.74 -10.25
N GLN B 24 9.34 9.08 -11.53
CA GLN B 24 9.14 10.48 -11.92
C GLN B 24 7.74 10.96 -11.58
N SER B 25 6.72 10.14 -11.88
CA SER B 25 5.34 10.52 -11.58
C SER B 25 5.13 10.69 -10.08
N SER B 26 5.65 9.76 -9.28
CA SER B 26 5.48 9.86 -7.83
C SER B 26 6.19 11.09 -7.28
N LEU B 27 7.39 11.39 -7.79
CA LEU B 27 8.11 12.56 -7.34
C LEU B 27 7.35 13.84 -7.65
N ALA B 28 6.80 13.93 -8.87
CA ALA B 28 6.02 15.11 -9.23
C ALA B 28 4.79 15.25 -8.35
N SER B 29 4.11 14.14 -8.08
CA SER B 29 2.91 14.18 -7.23
C SER B 29 3.26 14.64 -5.82
N TRP B 30 4.35 14.13 -5.26
CA TRP B 30 4.76 14.55 -3.92
C TRP B 30 5.11 16.03 -3.90
N ASN B 31 5.85 16.50 -4.92
CA ASN B 31 6.21 17.91 -4.97
C ASN B 31 4.98 18.81 -5.03
N TYR B 32 3.97 18.41 -5.81
CA TYR B 32 2.74 19.18 -5.84
C TYR B 32 2.02 19.14 -4.49
N ASN B 33 1.95 17.96 -3.88
CA ASN B 33 1.21 17.83 -2.63
C ASN B 33 1.89 18.57 -1.48
N THR B 34 3.17 18.90 -1.62
CA THR B 34 3.87 19.62 -0.58
C THR B 34 3.78 21.15 -0.74
N ASN B 35 3.50 21.64 -1.95
CA ASN B 35 3.45 23.08 -2.17
C ASN B 35 2.09 23.58 -2.64
N ILE B 36 1.48 22.88 -3.59
CA ILE B 36 0.20 23.28 -4.20
C ILE B 36 0.33 24.68 -4.78
N THR B 37 0.82 24.76 -6.02
CA THR B 37 0.95 26.00 -6.76
C THR B 37 0.34 25.80 -8.15
N ASP B 38 0.56 26.79 -9.02
CA ASP B 38 0.01 26.71 -10.37
C ASP B 38 0.94 26.02 -11.34
N GLU B 39 2.25 26.03 -11.09
CA GLU B 39 3.21 25.46 -12.03
C GLU B 39 3.46 23.98 -11.80
N ASN B 40 3.06 23.43 -10.66
CA ASN B 40 3.30 22.01 -10.39
C ASN B 40 2.23 21.12 -10.99
N LEU B 41 1.02 21.64 -11.18
CA LEU B 41 -0.05 20.87 -11.80
C LEU B 41 0.34 20.43 -13.21
N GLN B 42 0.99 21.32 -13.95
CA GLN B 42 1.42 20.98 -15.31
C GLN B 42 2.37 19.80 -15.31
N LYS B 43 3.37 19.84 -14.43
CA LYS B 43 4.34 18.74 -14.36
C LYS B 43 3.69 17.44 -13.92
N MET B 44 2.81 17.51 -12.91
CA MET B 44 2.12 16.31 -12.45
C MET B 44 1.29 15.69 -13.56
N ASN B 45 0.55 16.52 -14.29
CA ASN B 45 -0.28 16.01 -15.38
C ASN B 45 0.56 15.43 -16.50
N ASN B 46 1.68 16.07 -16.84
CA ASN B 46 2.56 15.54 -17.87
C ASN B 46 3.11 14.17 -17.49
N ALA B 47 3.58 14.04 -16.25
CA ALA B 47 4.13 12.77 -15.80
C ALA B 47 3.06 11.69 -15.80
N GLY B 48 1.88 12.00 -15.28
CA GLY B 48 0.81 11.02 -15.25
C GLY B 48 0.37 10.59 -16.64
N ALA B 49 0.24 11.55 -17.56
CA ALA B 49 -0.15 11.21 -18.92
C ALA B 49 0.88 10.33 -19.60
N LYS B 50 2.17 10.65 -19.43
CA LYS B 50 3.21 9.83 -20.04
C LYS B 50 3.20 8.41 -19.48
N TRP B 51 3.06 8.29 -18.16
CA TRP B 51 3.04 6.97 -17.55
C TRP B 51 1.84 6.16 -18.01
N SER B 52 0.66 6.78 -18.08
CA SER B 52 -0.54 6.08 -18.52
C SER B 52 -0.43 5.65 -19.98
N ALA B 53 0.09 6.53 -20.83
CA ALA B 53 0.25 6.18 -22.25
C ALA B 53 1.22 5.02 -22.41
N PHE B 54 2.33 5.03 -21.67
CA PHE B 54 3.28 3.93 -21.73
C PHE B 54 2.62 2.63 -21.29
N TYR B 55 1.87 2.67 -20.19
CA TYR B 55 1.26 1.45 -19.67
C TYR B 55 0.24 0.88 -20.66
N GLU B 56 -0.58 1.75 -21.26
CA GLU B 56 -1.57 1.28 -22.22
C GLU B 56 -0.88 0.69 -23.46
N GLU B 57 0.16 1.37 -23.95
CA GLU B 57 0.85 0.89 -25.15
C GLU B 57 1.51 -0.46 -24.88
N GLN B 58 2.08 -0.64 -23.70
CA GLN B 58 2.74 -1.91 -23.39
C GLN B 58 1.73 -3.03 -23.13
N SER B 59 0.61 -2.71 -22.48
CA SER B 59 -0.41 -3.73 -22.26
C SER B 59 -1.07 -4.14 -23.56
N LYS B 60 -1.09 -3.25 -24.57
CA LYS B 60 -1.60 -3.62 -25.88
C LYS B 60 -0.76 -4.73 -26.51
N LEU B 61 0.56 -4.66 -26.35
CA LEU B 61 1.48 -5.58 -27.00
C LEU B 61 1.64 -6.90 -26.25
N ALA B 62 1.14 -7.00 -25.01
CA ALA B 62 1.32 -8.20 -24.21
C ALA B 62 0.28 -9.27 -24.47
N LYS B 63 -0.78 -8.96 -25.23
CA LYS B 63 -1.83 -9.93 -25.51
C LYS B 63 -1.51 -10.83 -26.69
N THR B 64 -0.38 -10.61 -27.36
CA THR B 64 0.02 -11.45 -28.47
C THR B 64 0.61 -12.79 -28.02
N TYR B 65 0.87 -12.95 -26.72
CA TYR B 65 1.39 -14.19 -26.19
C TYR B 65 0.31 -14.93 -25.42
N PRO B 66 -0.07 -16.13 -25.82
CA PRO B 66 -1.07 -16.89 -25.08
C PRO B 66 -0.55 -17.36 -23.73
N LEU B 67 -1.49 -17.52 -22.79
CA LEU B 67 -1.15 -17.89 -21.43
C LEU B 67 -0.94 -19.39 -21.23
N GLU B 68 -1.71 -20.22 -21.94
CA GLU B 68 -1.65 -21.66 -21.69
C GLU B 68 -0.32 -22.28 -22.09
N GLU B 69 0.52 -21.56 -22.84
CA GLU B 69 1.80 -22.08 -23.30
C GLU B 69 2.92 -21.88 -22.30
N ILE B 70 2.66 -21.29 -21.14
CA ILE B 70 3.68 -21.03 -20.14
C ILE B 70 3.40 -21.91 -18.92
N GLN B 71 4.44 -22.61 -18.45
CA GLN B 71 4.30 -23.56 -17.35
C GLN B 71 4.71 -22.99 -16.00
N ASP B 72 5.48 -21.92 -15.96
CA ASP B 72 5.87 -21.32 -14.69
C ASP B 72 4.73 -20.46 -14.13
N SER B 73 4.81 -20.19 -12.83
CA SER B 73 3.73 -19.53 -12.12
C SER B 73 3.91 -18.01 -12.02
N THR B 74 5.09 -17.56 -11.62
CA THR B 74 5.32 -16.13 -11.48
C THR B 74 5.18 -15.40 -12.81
N VAL B 75 5.72 -15.97 -13.88
CA VAL B 75 5.58 -15.38 -15.20
C VAL B 75 4.12 -15.34 -15.60
N LYS B 76 3.37 -16.39 -15.25
CA LYS B 76 1.94 -16.42 -15.58
C LYS B 76 1.19 -15.31 -14.85
N ARG B 77 1.50 -15.08 -13.58
CA ARG B 77 0.86 -13.98 -12.87
C ARG B 77 1.25 -12.63 -13.45
N GLN B 78 2.52 -12.46 -13.84
CA GLN B 78 2.93 -11.19 -14.42
C GLN B 78 2.18 -10.91 -15.72
N LEU B 79 2.04 -11.91 -16.58
CA LEU B 79 1.26 -11.73 -17.80
C LEU B 79 -0.21 -11.49 -17.50
N ARG B 80 -0.77 -12.19 -16.50
CA ARG B 80 -2.16 -11.97 -16.14
C ARG B 80 -2.38 -10.53 -15.66
N ALA B 81 -1.44 -10.00 -14.87
CA ALA B 81 -1.54 -8.63 -14.41
C ALA B 81 -1.43 -7.65 -15.58
N LEU B 82 -0.52 -7.91 -16.51
CA LEU B 82 -0.31 -6.99 -17.63
C LEU B 82 -1.35 -7.11 -18.73
N GLN B 83 -2.16 -8.17 -18.73
CA GLN B 83 -3.09 -8.43 -19.81
C GLN B 83 -4.50 -7.94 -19.51
N HIS B 84 -4.74 -7.36 -18.34
CA HIS B 84 -6.06 -6.83 -18.04
C HIS B 84 -6.28 -5.51 -18.79
N SER B 85 -7.51 -5.31 -19.24
CA SER B 85 -7.84 -4.13 -20.03
C SER B 85 -9.31 -3.77 -19.78
N GLY B 86 -9.54 -2.58 -19.26
CA GLY B 86 -10.88 -2.07 -19.05
C GLY B 86 -11.08 -0.78 -19.83
N SER B 87 -12.25 -0.65 -20.46
CA SER B 87 -12.63 0.52 -21.24
C SER B 87 -11.75 0.71 -22.46
N SER B 88 -10.82 -0.21 -22.69
CA SER B 88 -9.97 -0.18 -23.87
C SER B 88 -10.47 -1.11 -24.97
N VAL B 89 -11.61 -1.76 -24.77
CA VAL B 89 -12.18 -2.66 -25.75
C VAL B 89 -13.49 -2.11 -26.33
N LEU B 90 -13.71 -0.81 -26.19
CA LEU B 90 -14.92 -0.15 -26.64
C LEU B 90 -14.62 0.78 -27.80
N SER B 91 -15.68 1.17 -28.50
CA SER B 91 -15.55 2.18 -29.55
C SER B 91 -15.19 3.53 -28.93
N ALA B 92 -14.54 4.37 -29.73
CA ALA B 92 -14.05 5.65 -29.21
C ALA B 92 -15.19 6.55 -28.73
N ASP B 93 -16.28 6.59 -29.49
CA ASP B 93 -17.41 7.45 -29.10
C ASP B 93 -18.02 7.00 -27.78
N LYS B 94 -18.16 5.69 -27.58
CA LYS B 94 -18.69 5.19 -26.32
C LYS B 94 -17.78 5.54 -25.16
N ASN B 95 -16.46 5.43 -25.36
CA ASN B 95 -15.52 5.80 -24.32
C ASN B 95 -15.62 7.28 -23.98
N GLN B 96 -15.75 8.12 -25.01
CA GLN B 96 -15.91 9.56 -24.78
C GLN B 96 -17.16 9.86 -23.98
N ARG B 97 -18.27 9.21 -24.35
CA ARG B 97 -19.52 9.42 -23.63
C ARG B 97 -19.40 8.98 -22.18
N LEU B 98 -18.77 7.83 -21.94
CA LEU B 98 -18.59 7.34 -20.58
C LEU B 98 -17.73 8.29 -19.76
N ASN B 99 -16.64 8.78 -20.35
CA ASN B 99 -15.78 9.72 -19.63
C ASN B 99 -16.52 11.00 -19.29
N THR B 100 -17.31 11.53 -20.24
CA THR B 100 -18.09 12.73 -19.96
C THR B 100 -19.09 12.49 -18.84
N ILE B 101 -19.76 11.33 -18.85
CA ILE B 101 -20.73 11.02 -17.81
C ILE B 101 -20.05 10.96 -16.44
N LEU B 102 -18.91 10.26 -16.37
CA LEU B 102 -18.20 10.15 -15.10
C LEU B 102 -17.75 11.50 -14.58
N ASN B 103 -17.18 12.34 -15.46
CA ASN B 103 -16.72 13.65 -15.02
C ASN B 103 -17.88 14.52 -14.56
N SER B 104 -18.99 14.51 -15.30
CA SER B 104 -20.14 15.31 -14.90
C SER B 104 -20.70 14.84 -13.56
N MET B 105 -20.77 13.53 -13.35
CA MET B 105 -21.29 13.01 -12.09
C MET B 105 -20.39 13.40 -10.92
N SER B 106 -19.07 13.24 -11.08
CA SER B 106 -18.15 13.60 -10.01
C SER B 106 -18.25 15.09 -9.69
N THR B 107 -18.30 15.94 -10.72
CA THR B 107 -18.39 17.38 -10.50
C THR B 107 -19.71 17.75 -9.82
N ILE B 108 -20.82 17.15 -10.27
CA ILE B 108 -22.11 17.52 -9.71
C ILE B 108 -22.23 17.05 -8.27
N TYR B 109 -21.54 15.98 -7.90
CA TYR B 109 -21.50 15.62 -6.48
C TYR B 109 -20.58 16.56 -5.70
N SER B 110 -19.50 17.03 -6.34
CA SER B 110 -18.50 17.80 -5.63
C SER B 110 -19.04 19.13 -5.11
N THR B 111 -19.82 19.84 -5.93
CA THR B 111 -20.26 21.18 -5.60
C THR B 111 -21.78 21.27 -5.41
N GLY B 112 -22.37 20.30 -4.74
CA GLY B 112 -23.79 20.33 -4.46
C GLY B 112 -24.13 21.39 -3.43
N LYS B 113 -25.27 22.05 -3.58
CA LYS B 113 -25.74 23.06 -2.64
C LYS B 113 -27.11 22.66 -2.13
N ALA B 114 -27.32 22.64 -0.81
CA ALA B 114 -28.68 22.36 -0.28
C ALA B 114 -29.15 23.55 0.55
N CYS B 115 -30.46 23.83 0.61
CA CYS B 115 -30.95 25.06 1.29
C CYS B 115 -32.12 24.77 2.24
N LEU B 124 -26.12 25.86 2.04
CA LEU B 124 -24.85 25.42 2.66
C LEU B 124 -24.32 24.21 1.90
N LEU B 125 -23.04 24.24 1.56
CA LEU B 125 -22.40 23.15 0.84
C LEU B 125 -22.17 21.97 1.78
N LEU B 126 -22.03 20.78 1.19
CA LEU B 126 -22.04 19.54 1.98
C LEU B 126 -20.89 19.50 2.97
N GLU B 127 -19.65 19.61 2.48
CA GLU B 127 -18.50 19.29 3.33
C GLU B 127 -18.37 20.20 4.54
N PRO B 128 -18.38 21.54 4.42
CA PRO B 128 -18.28 22.37 5.64
C PRO B 128 -19.57 22.44 6.45
N GLY B 129 -20.70 22.61 5.77
CA GLY B 129 -21.92 22.99 6.45
C GLY B 129 -22.85 21.88 6.89
N LEU B 130 -23.27 21.03 5.96
CA LEU B 130 -24.25 20.00 6.29
C LEU B 130 -23.66 18.94 7.21
N ASP B 131 -22.37 18.64 7.05
CA ASP B 131 -21.74 17.62 7.89
C ASP B 131 -21.78 18.01 9.36
N ASP B 132 -21.50 19.28 9.66
CA ASP B 132 -21.55 19.72 11.05
C ASP B 132 -22.95 19.62 11.63
N ILE B 133 -23.96 20.00 10.85
CA ILE B 133 -25.34 19.91 11.30
C ILE B 133 -25.70 18.46 11.61
N MET B 134 -25.33 17.54 10.72
CA MET B 134 -25.63 16.14 10.95
C MET B 134 -24.87 15.58 12.15
N GLU B 135 -23.63 16.04 12.35
CA GLU B 135 -22.80 15.48 13.41
C GLU B 135 -23.16 15.98 14.80
N ASN B 136 -23.62 17.24 14.92
CA ASN B 136 -23.75 17.85 16.24
C ASN B 136 -25.17 18.17 16.66
N SER B 137 -26.10 18.36 15.73
CA SER B 137 -27.42 18.85 16.09
C SER B 137 -28.21 17.80 16.88
N LYS B 138 -29.19 18.29 17.65
CA LYS B 138 -30.08 17.44 18.42
C LYS B 138 -31.54 17.80 18.20
N ASP B 139 -31.86 18.50 17.12
CA ASP B 139 -33.24 18.88 16.81
C ASP B 139 -33.78 17.99 15.70
N TYR B 140 -35.03 17.55 15.87
CA TYR B 140 -35.65 16.66 14.88
C TYR B 140 -35.78 17.36 13.53
N ASN B 141 -36.38 18.55 13.53
CA ASN B 141 -36.61 19.25 12.27
C ASN B 141 -35.30 19.72 11.65
N GLU B 142 -34.33 20.12 12.48
CA GLU B 142 -33.06 20.62 11.95
C GLU B 142 -32.34 19.55 11.14
N ARG B 143 -32.32 18.31 11.64
CA ARG B 143 -31.75 17.22 10.87
C ARG B 143 -32.65 16.81 9.71
N LEU B 144 -33.97 16.84 9.91
CA LEU B 144 -34.89 16.39 8.88
C LEU B 144 -34.77 17.23 7.62
N TRP B 145 -34.76 18.56 7.77
CA TRP B 145 -34.75 19.41 6.58
C TRP B 145 -33.44 19.27 5.83
N ALA B 146 -32.31 19.18 6.55
CA ALA B 146 -31.03 19.00 5.88
C ALA B 146 -30.99 17.67 5.12
N TRP B 147 -31.43 16.60 5.78
CA TRP B 147 -31.43 15.28 5.13
C TRP B 147 -32.27 15.28 3.87
N GLU B 148 -33.52 15.74 3.98
CA GLU B 148 -34.42 15.71 2.83
C GLU B 148 -33.94 16.64 1.73
N GLY B 149 -33.43 17.83 2.09
CA GLY B 149 -32.97 18.76 1.09
C GLY B 149 -31.78 18.23 0.31
N TRP B 150 -30.80 17.68 1.02
CA TRP B 150 -29.63 17.12 0.33
C TRP B 150 -30.05 15.97 -0.58
N ARG B 151 -30.88 15.06 -0.07
CA ARG B 151 -31.28 13.92 -0.88
C ARG B 151 -32.07 14.36 -2.11
N SER B 152 -33.00 15.30 -1.94
CA SER B 152 -33.82 15.74 -3.07
C SER B 152 -32.99 16.49 -4.10
N GLU B 153 -32.08 17.37 -3.65
CA GLU B 153 -31.37 18.22 -4.59
C GLU B 153 -30.15 17.54 -5.18
N VAL B 154 -29.75 16.38 -4.69
CA VAL B 154 -28.65 15.63 -5.27
C VAL B 154 -29.12 14.39 -6.02
N GLY B 155 -29.93 13.55 -5.36
CA GLY B 155 -30.32 12.29 -5.98
C GLY B 155 -31.20 12.48 -7.20
N LYS B 156 -32.12 13.45 -7.15
CA LYS B 156 -33.05 13.65 -8.26
C LYS B 156 -32.33 14.08 -9.52
N GLN B 157 -31.23 14.81 -9.39
CA GLN B 157 -30.50 15.29 -10.55
C GLN B 157 -29.52 14.25 -11.10
N LEU B 158 -29.30 13.15 -10.37
CA LEU B 158 -28.30 12.15 -10.74
C LEU B 158 -28.89 10.89 -11.34
N ARG B 159 -30.20 10.83 -11.57
CA ARG B 159 -30.83 9.58 -11.97
C ARG B 159 -30.50 9.17 -13.40
N PRO B 160 -30.74 9.99 -14.44
CA PRO B 160 -30.45 9.53 -15.81
C PRO B 160 -28.99 9.20 -16.05
N LEU B 161 -28.07 9.94 -15.42
CA LEU B 161 -26.65 9.64 -15.58
C LEU B 161 -26.34 8.24 -15.07
N TYR B 162 -26.88 7.88 -13.91
CA TYR B 162 -26.65 6.53 -13.38
C TYR B 162 -27.38 5.47 -14.19
N GLU B 163 -28.52 5.81 -14.81
CA GLU B 163 -29.19 4.86 -15.68
C GLU B 163 -28.34 4.56 -16.91
N GLU B 164 -27.68 5.57 -17.47
CA GLU B 164 -26.78 5.33 -18.60
C GLU B 164 -25.51 4.62 -18.17
N TYR B 165 -25.03 4.91 -16.96
CA TYR B 165 -23.78 4.36 -16.46
C TYR B 165 -23.84 2.83 -16.39
N VAL B 166 -24.94 2.30 -15.87
CA VAL B 166 -25.05 0.85 -15.71
C VAL B 166 -25.06 0.15 -17.07
N ALA B 167 -25.76 0.72 -18.05
CA ALA B 167 -25.79 0.12 -19.38
C ALA B 167 -24.41 0.13 -20.03
N LEU B 168 -23.73 1.28 -19.97
CA LEU B 168 -22.40 1.35 -20.58
C LEU B 168 -21.43 0.38 -19.91
N LYS B 169 -21.47 0.30 -18.58
CA LYS B 169 -20.56 -0.59 -17.87
C LYS B 169 -20.89 -2.06 -18.13
N ASN B 170 -22.18 -2.38 -18.27
CA ASN B 170 -22.56 -3.74 -18.63
C ASN B 170 -22.03 -4.11 -20.00
N GLU B 171 -22.11 -3.19 -20.97
CA GLU B 171 -21.55 -3.45 -22.29
C GLU B 171 -20.05 -3.67 -22.21
N MET B 172 -19.36 -2.82 -21.45
CA MET B 172 -17.91 -2.97 -21.29
C MET B 172 -17.56 -4.32 -20.66
N ALA B 173 -18.29 -4.72 -19.62
CA ALA B 173 -18.00 -5.97 -18.94
C ALA B 173 -18.26 -7.16 -19.86
N ARG B 174 -19.36 -7.13 -20.61
CA ARG B 174 -19.67 -8.24 -21.50
C ARG B 174 -18.69 -8.32 -22.66
N ALA B 175 -18.11 -7.19 -23.06
CA ALA B 175 -17.09 -7.22 -24.12
C ALA B 175 -15.80 -7.91 -23.67
N ASN B 176 -15.61 -8.11 -22.38
CA ASN B 176 -14.39 -8.71 -21.84
C ASN B 176 -14.63 -10.13 -21.31
N ASN B 177 -15.60 -10.84 -21.88
CA ASN B 177 -15.93 -12.21 -21.47
C ASN B 177 -16.30 -12.29 -19.99
N TYR B 178 -17.05 -11.30 -19.51
CA TYR B 178 -17.64 -11.32 -18.19
C TYR B 178 -19.16 -11.29 -18.31
N GLU B 179 -19.83 -11.68 -17.23
CA GLU B 179 -21.27 -11.75 -17.23
C GLU B 179 -21.94 -10.46 -16.79
N ASP B 180 -21.21 -9.60 -16.08
CA ASP B 180 -21.79 -8.42 -15.46
C ASP B 180 -20.65 -7.58 -14.89
N TYR B 181 -20.92 -6.28 -14.75
CA TYR B 181 -19.93 -5.41 -14.13
C TYR B 181 -19.72 -5.76 -12.66
N GLY B 182 -20.76 -6.23 -11.98
CA GLY B 182 -20.56 -6.75 -10.63
C GLY B 182 -19.68 -7.98 -10.60
N ASP B 183 -19.85 -8.86 -11.59
CA ASP B 183 -18.94 -9.99 -11.74
C ASP B 183 -17.52 -9.55 -12.07
N TYR B 184 -17.37 -8.36 -12.66
CA TYR B 184 -16.05 -7.81 -12.95
C TYR B 184 -15.36 -7.33 -11.68
N TRP B 185 -16.13 -6.79 -10.74
CA TRP B 185 -15.55 -6.34 -9.47
C TRP B 185 -15.11 -7.51 -8.61
N ARG B 186 -15.87 -8.61 -8.62
CA ARG B 186 -15.56 -9.75 -7.78
C ARG B 186 -14.31 -10.50 -8.24
N GLY B 187 -13.76 -10.18 -9.40
CA GLY B 187 -12.59 -10.86 -9.89
C GLY B 187 -11.30 -10.55 -9.17
N ASP B 188 -11.31 -9.56 -8.27
CA ASP B 188 -10.12 -9.24 -7.49
C ASP B 188 -9.81 -10.29 -6.44
N TYR B 189 -10.73 -11.23 -6.19
CA TYR B 189 -10.52 -12.31 -5.24
C TYR B 189 -10.31 -13.66 -5.90
N GLU B 190 -10.27 -13.70 -7.23
CA GLU B 190 -10.12 -14.97 -7.95
C GLU B 190 -8.68 -15.46 -7.89
N GLU B 191 -8.53 -16.78 -7.79
CA GLU B 191 -7.22 -17.41 -7.73
C GLU B 191 -7.21 -18.64 -8.64
N GLU B 192 -6.01 -19.01 -9.09
CA GLU B 192 -5.79 -20.24 -9.84
C GLU B 192 -4.45 -20.80 -9.40
N TRP B 193 -4.48 -21.93 -8.70
CA TRP B 193 -3.30 -22.54 -8.12
C TRP B 193 -3.53 -24.04 -8.06
N GLU B 194 -2.73 -24.74 -7.26
CA GLU B 194 -2.86 -26.18 -7.12
C GLU B 194 -4.13 -26.53 -6.35
N ASN B 195 -4.26 -27.81 -6.01
CA ASN B 195 -5.54 -28.38 -5.60
C ASN B 195 -6.17 -27.60 -4.45
N GLY B 196 -5.39 -27.32 -3.40
CA GLY B 196 -5.97 -26.77 -2.20
C GLY B 196 -6.03 -25.26 -2.06
N TYR B 197 -5.68 -24.50 -3.09
CA TYR B 197 -5.55 -23.05 -2.93
C TYR B 197 -6.15 -22.31 -4.12
N ASN B 198 -7.34 -22.70 -4.55
CA ASN B 198 -8.06 -21.98 -5.59
C ASN B 198 -9.26 -21.24 -5.00
N TYR B 199 -9.82 -20.33 -5.79
CA TYR B 199 -10.94 -19.50 -5.34
C TYR B 199 -11.65 -18.95 -6.56
N SER B 200 -12.98 -19.03 -6.57
CA SER B 200 -13.78 -18.58 -7.69
C SER B 200 -14.62 -17.37 -7.28
N ARG B 201 -15.18 -16.70 -8.29
CA ARG B 201 -15.95 -15.48 -8.05
C ARG B 201 -17.31 -15.79 -7.45
N ASN B 202 -17.85 -16.97 -7.73
CA ASN B 202 -19.17 -17.32 -7.22
C ASN B 202 -19.15 -17.55 -5.71
N GLN B 203 -18.06 -18.09 -5.18
CA GLN B 203 -18.01 -18.43 -3.76
C GLN B 203 -17.92 -17.20 -2.87
N LEU B 204 -17.56 -16.04 -3.42
CA LEU B 204 -17.45 -14.84 -2.60
C LEU B 204 -18.80 -14.43 -2.02
N ILE B 205 -19.86 -14.56 -2.82
CA ILE B 205 -21.19 -14.21 -2.34
C ILE B 205 -21.61 -15.15 -1.20
N ASP B 206 -21.37 -16.44 -1.37
CA ASP B 206 -21.72 -17.41 -0.35
C ASP B 206 -20.87 -17.21 0.90
N ASP B 207 -19.59 -16.90 0.74
CA ASP B 207 -18.73 -16.66 1.89
C ASP B 207 -19.17 -15.42 2.67
N VAL B 208 -19.57 -14.36 1.95
CA VAL B 208 -20.02 -13.15 2.63
C VAL B 208 -21.35 -13.39 3.33
N GLU B 209 -22.26 -14.14 2.69
CA GLU B 209 -23.57 -14.36 3.27
C GLU B 209 -23.50 -15.18 4.55
N HIS B 210 -22.63 -16.21 4.58
CA HIS B 210 -22.53 -17.06 5.77
C HIS B 210 -21.95 -16.29 6.95
N THR B 211 -20.96 -15.42 6.70
CA THR B 211 -20.35 -14.67 7.79
C THR B 211 -21.30 -13.67 8.42
N PHE B 212 -22.36 -13.28 7.72
CA PHE B 212 -23.29 -12.28 8.25
C PHE B 212 -24.36 -12.89 9.13
N THR B 213 -24.63 -14.20 9.01
CA THR B 213 -25.62 -14.82 9.86
C THR B 213 -25.10 -15.11 11.26
N GLN B 214 -23.78 -15.02 11.46
CA GLN B 214 -23.18 -15.23 12.76
C GLN B 214 -22.93 -13.93 13.51
N ILE B 215 -23.32 -12.79 12.95
CA ILE B 215 -23.15 -11.49 13.61
C ILE B 215 -24.49 -10.88 14.02
N MET B 216 -25.60 -11.43 13.54
CA MET B 216 -26.90 -10.79 13.76
C MET B 216 -27.28 -10.61 15.23
N PRO B 217 -27.09 -11.58 16.15
CA PRO B 217 -27.55 -11.34 17.53
C PRO B 217 -26.86 -10.18 18.23
N LEU B 218 -25.55 -10.04 18.03
CA LEU B 218 -24.83 -8.91 18.62
C LEU B 218 -25.35 -7.59 18.07
N TYR B 219 -25.59 -7.54 16.76
CA TYR B 219 -26.16 -6.34 16.15
C TYR B 219 -27.55 -6.06 16.70
N GLN B 220 -28.35 -7.10 16.94
CA GLN B 220 -29.69 -6.90 17.48
C GLN B 220 -29.63 -6.30 18.88
N HIS B 221 -28.73 -6.79 19.72
CA HIS B 221 -28.63 -6.24 21.07
C HIS B 221 -28.12 -4.80 21.04
N LEU B 222 -27.12 -4.52 20.19
CA LEU B 222 -26.64 -3.14 20.05
C LEU B 222 -27.75 -2.23 19.56
N HIS B 223 -28.55 -2.71 18.61
CA HIS B 223 -29.71 -1.97 18.11
C HIS B 223 -30.70 -1.71 19.24
N ALA B 224 -30.85 -2.64 20.17
CA ALA B 224 -31.93 -2.46 21.16
C ALA B 224 -31.48 -1.62 22.35
N TYR B 225 -30.20 -1.33 22.46
CA TYR B 225 -29.74 -0.45 23.56
C TYR B 225 -29.71 0.94 23.01
N VAL B 226 -29.39 1.07 21.74
CA VAL B 226 -29.46 2.43 21.16
C VAL B 226 -30.93 2.80 21.08
N ARG B 227 -31.77 1.97 20.47
CA ARG B 227 -33.16 2.38 20.45
C ARG B 227 -33.64 2.83 21.83
N THR B 228 -33.25 2.11 22.89
CA THR B 228 -33.75 2.42 24.22
C THR B 228 -33.12 3.65 24.84
N LYS B 229 -31.88 4.00 24.47
CA LYS B 229 -31.24 5.18 25.03
C LYS B 229 -31.69 6.46 24.36
N LEU B 230 -32.13 6.41 23.11
CA LEU B 230 -32.64 7.58 22.42
C LEU B 230 -34.11 7.86 22.71
N MET B 231 -34.74 7.08 23.60
CA MET B 231 -36.07 7.44 24.08
C MET B 231 -36.08 8.81 24.77
N ASP B 232 -34.98 9.17 25.43
CA ASP B 232 -34.92 10.37 26.25
C ASP B 232 -34.60 11.62 25.44
N THR B 233 -33.61 11.54 24.56
CA THR B 233 -33.25 12.71 23.75
C THR B 233 -34.39 13.11 22.82
N TYR B 234 -35.06 12.13 22.22
CA TYR B 234 -36.23 12.36 21.38
C TYR B 234 -37.44 11.71 22.04
N PRO B 235 -38.31 12.48 22.68
CA PRO B 235 -39.33 11.89 23.55
C PRO B 235 -40.38 11.03 22.85
N SER B 236 -41.01 11.56 21.81
CA SER B 236 -42.17 10.92 21.19
C SER B 236 -42.04 10.89 19.67
N TYR B 237 -40.89 10.44 19.19
CA TYR B 237 -40.68 10.25 17.76
C TYR B 237 -40.24 8.85 17.36
N ILE B 238 -39.77 8.03 18.29
CA ILE B 238 -39.33 6.68 18.00
C ILE B 238 -40.13 5.70 18.85
N SER B 239 -40.69 4.68 18.20
CA SER B 239 -41.50 3.67 18.85
C SER B 239 -40.63 2.63 19.55
N PRO B 240 -41.12 2.07 20.66
CA PRO B 240 -40.32 1.05 21.36
C PRO B 240 -40.23 -0.28 20.65
N THR B 241 -40.95 -0.46 19.54
CA THR B 241 -40.95 -1.73 18.82
C THR B 241 -40.60 -1.61 17.35
N GLY B 242 -40.40 -0.39 16.84
CA GLY B 242 -40.14 -0.17 15.44
C GLY B 242 -38.66 -0.02 15.11
N CYS B 243 -38.43 0.50 13.91
CA CYS B 243 -37.07 0.72 13.41
C CYS B 243 -36.67 2.18 13.60
N LEU B 244 -35.37 2.38 13.70
CA LEU B 244 -34.82 3.72 13.92
C LEU B 244 -34.90 4.56 12.64
N PRO B 245 -35.35 5.80 12.74
CA PRO B 245 -35.33 6.69 11.57
C PRO B 245 -33.91 6.96 11.10
N ALA B 246 -33.78 7.18 9.80
CA ALA B 246 -32.48 7.29 9.16
C ALA B 246 -31.75 8.60 9.47
N HIS B 247 -32.47 9.63 9.92
CA HIS B 247 -31.87 10.95 10.13
C HIS B 247 -31.48 11.19 11.58
N LEU B 248 -31.28 10.12 12.36
CA LEU B 248 -30.89 10.22 13.76
C LEU B 248 -29.80 9.22 14.08
N LEU B 249 -28.78 9.12 13.22
CA LEU B 249 -27.75 8.09 13.34
C LEU B 249 -26.34 8.67 13.36
N GLY B 250 -26.18 9.98 13.46
CA GLY B 250 -24.89 10.59 13.63
C GLY B 250 -24.14 10.94 12.37
N ASP B 251 -24.65 10.56 11.20
CA ASP B 251 -24.04 10.93 9.92
C ASP B 251 -25.15 11.27 8.94
N MET B 252 -24.75 11.67 7.73
CA MET B 252 -25.72 11.96 6.69
C MET B 252 -26.41 10.68 6.21
N TRP B 253 -25.69 9.56 6.19
CA TRP B 253 -26.21 8.30 5.69
C TRP B 253 -26.41 7.25 6.78
N GLY B 254 -25.52 7.19 7.76
CA GLY B 254 -25.54 6.14 8.76
C GLY B 254 -24.42 5.13 8.65
N ARG B 255 -23.37 5.45 7.90
CA ARG B 255 -22.27 4.50 7.69
C ARG B 255 -21.53 4.21 8.99
N PHE B 256 -21.34 5.21 9.83
CA PHE B 256 -20.76 5.03 11.15
C PHE B 256 -21.71 5.57 12.21
N TRP B 257 -21.81 4.85 13.33
CA TRP B 257 -22.62 5.25 14.47
C TRP B 257 -21.79 5.88 15.58
N THR B 258 -20.55 6.28 15.28
CA THR B 258 -19.62 6.67 16.33
C THR B 258 -19.99 7.98 17.01
N ASN B 259 -20.87 8.78 16.41
CA ASN B 259 -21.25 10.07 16.97
C ASN B 259 -22.43 9.97 17.93
N LEU B 260 -22.74 8.78 18.43
CA LEU B 260 -23.80 8.58 19.42
C LEU B 260 -23.26 8.27 20.81
N TYR B 261 -21.95 8.42 21.03
CA TYR B 261 -21.37 8.10 22.33
C TYR B 261 -21.91 8.97 23.46
N PRO B 262 -22.00 10.30 23.33
CA PRO B 262 -22.53 11.09 24.45
C PRO B 262 -23.96 10.73 24.83
N LEU B 263 -24.77 10.26 23.89
CA LEU B 263 -26.14 9.91 24.20
C LEU B 263 -26.29 8.50 24.76
N THR B 264 -25.45 7.57 24.31
CA THR B 264 -25.52 6.17 24.74
C THR B 264 -24.18 5.82 25.39
N VAL B 265 -24.09 6.07 26.70
CA VAL B 265 -22.89 5.72 27.47
C VAL B 265 -23.32 4.89 28.67
N PRO B 266 -22.65 3.76 28.94
CA PRO B 266 -23.05 2.95 30.10
C PRO B 266 -22.90 3.67 31.43
N PHE B 267 -21.72 4.21 31.71
CA PHE B 267 -21.43 4.89 32.96
C PHE B 267 -20.82 6.24 32.62
N GLY B 268 -21.62 7.30 32.73
CA GLY B 268 -21.24 8.59 32.21
C GLY B 268 -20.38 9.45 33.12
N GLN B 269 -20.01 8.95 34.29
CA GLN B 269 -19.20 9.75 35.22
C GLN B 269 -17.71 9.47 35.09
N LYS B 270 -17.31 8.21 34.96
CA LYS B 270 -15.90 7.87 34.81
C LYS B 270 -15.45 8.13 33.39
N PRO B 271 -14.44 8.96 33.17
CA PRO B 271 -13.99 9.25 31.80
C PRO B 271 -13.07 8.17 31.27
N ASN B 272 -12.72 8.31 30.00
CA ASN B 272 -11.85 7.35 29.32
C ASN B 272 -10.39 7.73 29.52
N ILE B 273 -9.51 6.87 29.02
CA ILE B 273 -8.07 7.06 29.15
C ILE B 273 -7.62 8.06 28.08
N ASP B 274 -7.24 9.26 28.49
CA ASP B 274 -6.69 10.26 27.61
C ASP B 274 -5.38 10.78 28.21
N VAL B 275 -4.33 10.82 27.40
CA VAL B 275 -3.00 11.12 27.91
C VAL B 275 -2.42 12.35 27.24
N THR B 276 -3.28 13.29 26.84
CA THR B 276 -2.79 14.53 26.26
C THR B 276 -2.08 15.39 27.29
N ASN B 277 -2.65 15.50 28.50
CA ASN B 277 -2.04 16.32 29.54
C ASN B 277 -0.71 15.76 30.01
N ALA B 278 -0.66 14.45 30.29
CA ALA B 278 0.56 13.78 30.74
C ALA B 278 1.59 13.67 29.62
N MET B 279 1.27 14.17 28.44
CA MET B 279 2.21 14.24 27.33
C MET B 279 2.67 15.66 27.04
N VAL B 280 1.80 16.66 27.22
CA VAL B 280 2.23 18.05 27.14
C VAL B 280 3.04 18.46 28.37
N ASN B 281 2.86 17.78 29.50
CA ASN B 281 3.65 18.10 30.70
C ASN B 281 4.98 17.36 30.67
N GLN B 282 5.43 16.95 29.48
CA GLN B 282 6.79 16.41 29.36
C GLN B 282 7.53 16.96 28.15
N SER B 283 7.01 17.99 27.49
CA SER B 283 7.65 18.62 26.34
C SER B 283 7.93 17.61 25.23
N TRP B 284 6.85 17.01 24.74
CA TRP B 284 6.93 16.05 23.63
C TRP B 284 6.62 16.76 22.31
N ASP B 285 7.44 16.50 21.31
CA ASP B 285 7.22 16.99 19.95
C ASP B 285 7.06 15.82 19.00
N ALA B 286 6.91 16.13 17.71
CA ALA B 286 6.61 15.10 16.71
C ALA B 286 7.74 14.09 16.58
N ARG B 287 8.98 14.56 16.63
CA ARG B 287 10.12 13.65 16.52
C ARG B 287 10.09 12.61 17.64
N LYS B 288 9.69 13.01 18.85
CA LYS B 288 9.54 12.05 19.93
C LYS B 288 8.46 11.02 19.61
N ILE B 289 7.36 11.46 19.01
CA ILE B 289 6.28 10.54 18.66
C ILE B 289 6.78 9.48 17.68
N PHE B 290 7.48 9.92 16.64
CA PHE B 290 7.95 8.96 15.65
C PHE B 290 9.07 8.08 16.19
N LYS B 291 9.90 8.61 17.09
CA LYS B 291 10.91 7.78 17.74
C LYS B 291 10.28 6.70 18.60
N GLU B 292 9.20 7.04 19.33
CA GLU B 292 8.51 6.03 20.12
C GLU B 292 7.88 4.97 19.23
N ALA B 293 7.29 5.40 18.09
CA ALA B 293 6.74 4.43 17.16
C ALA B 293 7.81 3.50 16.63
N GLU B 294 8.98 4.05 16.28
CA GLU B 294 10.07 3.21 15.78
C GLU B 294 10.57 2.26 16.85
N LYS B 295 10.63 2.70 18.11
CA LYS B 295 11.03 1.81 19.19
C LYS B 295 10.04 0.67 19.35
N PHE B 296 8.75 0.97 19.28
CA PHE B 296 7.75 -0.10 19.35
C PHE B 296 7.92 -1.09 18.21
N PHE B 297 8.17 -0.60 17.00
CA PHE B 297 8.31 -1.49 15.86
C PHE B 297 9.60 -2.31 15.91
N VAL B 298 10.67 -1.77 16.50
CA VAL B 298 11.91 -2.53 16.60
C VAL B 298 11.90 -3.46 17.80
N SER B 299 10.97 -3.28 18.74
CA SER B 299 10.85 -4.19 19.86
C SER B 299 10.15 -5.49 19.51
N VAL B 300 9.63 -5.63 18.29
CA VAL B 300 8.93 -6.84 17.87
C VAL B 300 9.67 -7.54 16.74
N GLY B 301 10.93 -7.16 16.48
CA GLY B 301 11.74 -7.85 15.50
C GLY B 301 11.74 -7.29 14.10
N LEU B 302 11.10 -6.14 13.89
CA LEU B 302 11.09 -5.49 12.59
C LEU B 302 12.21 -4.47 12.49
N PRO B 303 12.66 -4.14 11.28
CA PRO B 303 13.82 -3.25 11.13
C PRO B 303 13.53 -1.80 11.51
N ASN B 304 14.53 -0.95 11.37
CA ASN B 304 14.41 0.48 11.63
C ASN B 304 14.27 1.26 10.34
N MET B 305 13.80 2.48 10.45
CA MET B 305 13.56 3.33 9.29
C MET B 305 14.87 3.77 8.66
N THR B 306 14.83 4.01 7.35
CA THR B 306 16.01 4.42 6.61
C THR B 306 16.39 5.86 6.95
N GLN B 307 17.59 6.25 6.52
CA GLN B 307 18.07 7.60 6.79
C GLN B 307 17.33 8.64 5.95
N GLY B 308 16.92 8.28 4.73
CA GLY B 308 16.14 9.19 3.92
C GLY B 308 14.74 9.42 4.46
N PHE B 309 14.26 8.53 5.33
CA PHE B 309 12.96 8.75 5.97
C PHE B 309 12.99 9.99 6.85
N TRP B 310 14.07 10.20 7.58
CA TRP B 310 14.14 11.31 8.52
C TRP B 310 14.47 12.64 7.86
N GLU B 311 14.97 12.63 6.62
CA GLU B 311 15.40 13.85 5.95
C GLU B 311 14.37 14.38 4.96
N ASN B 312 13.69 13.52 4.23
CA ASN B 312 12.77 13.95 3.18
C ASN B 312 11.32 14.01 3.62
N SER B 313 10.96 13.33 4.71
CA SER B 313 9.57 13.30 5.15
C SER B 313 9.14 14.64 5.74
N MET B 314 7.84 14.90 5.68
CA MET B 314 7.24 16.07 6.29
C MET B 314 6.41 15.62 7.50
N LEU B 315 6.70 16.21 8.66
CA LEU B 315 6.04 15.81 9.89
C LEU B 315 5.41 16.97 10.64
N THR B 316 5.33 18.16 10.03
CA THR B 316 4.71 19.31 10.69
C THR B 316 4.28 20.30 9.63
N GLU B 317 3.35 21.16 10.01
CA GLU B 317 2.89 22.23 9.13
C GLU B 317 4.02 23.21 8.85
N PRO B 318 4.16 23.68 7.61
CA PRO B 318 5.04 24.82 7.36
C PRO B 318 4.29 26.14 7.54
N SER B 319 4.84 27.05 8.35
CA SER B 319 4.18 28.32 8.64
C SER B 319 4.75 29.46 7.79
N ASP B 320 5.42 29.15 6.69
CA ASP B 320 6.05 30.16 5.83
C ASP B 320 5.21 30.50 4.60
N SER B 321 3.89 30.49 4.73
CA SER B 321 2.97 30.93 3.68
C SER B 321 2.97 30.01 2.46
N TRP B 322 3.17 28.71 2.68
CA TRP B 322 2.95 27.70 1.65
C TRP B 322 1.75 26.86 2.06
N LYS B 323 0.85 26.59 1.10
CA LYS B 323 -0.38 25.88 1.39
C LYS B 323 -0.20 24.38 1.22
N VAL B 324 -0.77 23.62 2.14
CA VAL B 324 -0.72 22.16 2.10
C VAL B 324 -2.08 21.60 2.46
N VAL B 325 -2.31 20.36 2.07
CA VAL B 325 -3.50 19.60 2.45
C VAL B 325 -3.20 18.65 3.61
N CYS B 326 -2.14 17.86 3.46
CA CYS B 326 -1.60 16.96 4.49
C CYS B 326 -2.68 16.14 5.18
N HIS B 327 -3.53 15.52 4.38
CA HIS B 327 -4.27 14.37 4.85
C HIS B 327 -3.28 13.23 5.06
N PRO B 328 -3.30 12.55 6.21
CA PRO B 328 -2.23 11.60 6.52
C PRO B 328 -2.11 10.50 5.48
N THR B 329 -0.94 10.41 4.86
CA THR B 329 -0.66 9.44 3.82
C THR B 329 0.71 8.83 4.03
N ALA B 330 0.90 7.65 3.46
CA ALA B 330 2.19 6.97 3.43
C ALA B 330 2.57 6.69 1.99
N TRP B 331 3.78 7.07 1.61
CA TRP B 331 4.22 7.01 0.22
C TRP B 331 5.31 5.98 0.03
N ASP B 332 5.26 5.28 -1.10
CA ASP B 332 6.31 4.35 -1.54
C ASP B 332 6.69 4.78 -2.95
N LEU B 333 7.62 5.73 -3.05
CA LEU B 333 7.97 6.30 -4.35
C LEU B 333 8.71 5.29 -5.22
N GLY B 334 9.54 4.45 -4.63
CA GLY B 334 10.32 3.51 -5.40
C GLY B 334 11.82 3.79 -5.28
N ARG B 335 12.61 2.79 -5.68
CA ARG B 335 14.06 2.86 -5.62
C ARG B 335 14.56 3.17 -4.21
N GLY B 336 13.95 2.53 -3.22
CA GLY B 336 14.37 2.68 -1.85
C GLY B 336 14.01 4.00 -1.20
N ASP B 337 12.95 4.67 -1.66
CA ASP B 337 12.53 5.95 -1.13
C ASP B 337 11.21 5.78 -0.40
N PHE B 338 11.20 6.08 0.89
CA PHE B 338 10.00 5.96 1.72
C PHE B 338 9.82 7.24 2.51
N ARG B 339 8.63 7.84 2.42
CA ARG B 339 8.33 9.09 3.10
C ARG B 339 6.94 9.02 3.72
N ILE B 340 6.74 9.79 4.79
CA ILE B 340 5.46 9.93 5.46
C ILE B 340 5.14 11.42 5.56
N LYS B 341 3.90 11.77 5.25
CA LYS B 341 3.45 13.16 5.24
C LYS B 341 2.25 13.29 6.16
N MET B 342 2.39 14.09 7.21
CA MET B 342 1.33 14.23 8.20
C MET B 342 1.52 15.54 8.96
N CYS B 343 0.41 16.24 9.22
CA CYS B 343 0.41 17.46 10.01
C CYS B 343 0.17 17.08 11.47
N THR B 344 1.27 16.82 12.17
CA THR B 344 1.20 16.21 13.50
C THR B 344 1.01 17.26 14.58
N LYS B 345 0.12 16.95 15.52
CA LYS B 345 -0.06 17.71 16.75
C LYS B 345 0.22 16.80 17.94
N VAL B 346 -0.07 17.28 19.14
CA VAL B 346 0.35 16.62 20.37
C VAL B 346 -0.81 15.90 21.07
N THR B 347 -1.82 15.47 20.31
CA THR B 347 -2.90 14.71 20.91
C THR B 347 -2.63 13.21 20.80
N MET B 348 -3.53 12.42 21.40
CA MET B 348 -3.37 10.96 21.40
C MET B 348 -3.73 10.35 20.05
N ASP B 349 -4.72 10.93 19.35
CA ASP B 349 -5.12 10.38 18.06
C ASP B 349 -3.97 10.42 17.06
N ASP B 350 -3.21 11.52 17.07
CA ASP B 350 -2.00 11.57 16.24
C ASP B 350 -0.98 10.53 16.68
N PHE B 351 -0.87 10.29 18.00
CA PHE B 351 0.05 9.29 18.51
C PHE B 351 -0.32 7.89 18.01
N LEU B 352 -1.59 7.64 17.76
CA LEU B 352 -2.00 6.36 17.19
C LEU B 352 -1.90 6.31 15.67
N THR B 353 -2.22 7.42 14.98
CA THR B 353 -2.05 7.46 13.54
C THR B 353 -0.58 7.32 13.14
N ALA B 354 0.34 7.75 14.01
CA ALA B 354 1.75 7.52 13.74
C ALA B 354 2.06 6.03 13.63
N HIS B 355 1.56 5.23 14.58
CA HIS B 355 1.74 3.79 14.51
C HIS B 355 1.07 3.22 13.26
N HIS B 356 -0.13 3.70 12.94
CA HIS B 356 -0.84 3.20 11.76
C HIS B 356 -0.01 3.41 10.48
N GLU B 357 0.47 4.63 10.27
CA GLU B 357 1.22 4.92 9.05
C GLU B 357 2.59 4.25 9.06
N MET B 358 3.20 4.09 10.24
CA MET B 358 4.46 3.35 10.30
C MET B 358 4.26 1.89 9.91
N GLY B 359 3.13 1.31 10.31
CA GLY B 359 2.81 -0.04 9.85
C GLY B 359 2.63 -0.09 8.34
N HIS B 360 1.92 0.89 7.78
CA HIS B 360 1.80 0.99 6.33
C HIS B 360 3.17 0.99 5.66
N ILE B 361 4.10 1.78 6.18
CA ILE B 361 5.45 1.85 5.60
C ILE B 361 6.17 0.52 5.77
N GLN B 362 6.05 -0.10 6.95
CA GLN B 362 6.75 -1.35 7.22
C GLN B 362 6.31 -2.45 6.26
N TYR B 363 5.04 -2.46 5.87
CA TYR B 363 4.61 -3.45 4.89
C TYR B 363 5.25 -3.23 3.53
N ASP B 364 5.45 -1.97 3.13
CA ASP B 364 6.01 -1.69 1.81
C ASP B 364 7.46 -2.14 1.70
N MET B 365 8.25 -1.95 2.76
CA MET B 365 9.67 -2.27 2.70
C MET B 365 9.92 -3.77 2.61
N ALA B 366 8.93 -4.61 2.95
CA ALA B 366 9.18 -6.04 3.01
C ALA B 366 9.27 -6.66 1.61
N TYR B 367 8.42 -6.23 0.69
CA TYR B 367 8.35 -6.85 -0.64
C TYR B 367 9.05 -6.03 -1.71
N ALA B 368 10.03 -5.22 -1.33
CA ALA B 368 10.78 -4.46 -2.33
C ALA B 368 11.66 -5.35 -3.20
N ALA B 369 11.91 -6.60 -2.78
CA ALA B 369 12.73 -7.51 -3.56
C ALA B 369 11.94 -8.20 -4.67
N GLN B 370 10.61 -8.15 -4.63
CA GLN B 370 9.81 -8.79 -5.65
C GLN B 370 9.87 -8.00 -6.95
N PRO B 371 9.51 -8.63 -8.07
CA PRO B 371 9.43 -7.89 -9.34
C PRO B 371 8.41 -6.76 -9.27
N PHE B 372 8.43 -5.93 -10.31
CA PHE B 372 7.64 -4.69 -10.30
C PHE B 372 6.15 -4.97 -10.23
N LEU B 373 5.66 -5.95 -11.00
CA LEU B 373 4.23 -6.21 -11.08
C LEU B 373 3.67 -6.89 -9.84
N LEU B 374 4.52 -7.41 -8.97
CA LEU B 374 4.06 -8.13 -7.78
C LEU B 374 4.34 -7.37 -6.49
N ARG B 375 4.50 -6.04 -6.57
CA ARG B 375 4.76 -5.21 -5.40
C ARG B 375 3.45 -4.58 -4.94
N ASN B 376 2.64 -5.38 -4.25
CA ASN B 376 1.40 -4.91 -3.66
C ASN B 376 0.94 -5.95 -2.65
N GLY B 377 -0.19 -5.67 -2.00
CA GLY B 377 -0.74 -6.61 -1.04
C GLY B 377 -1.34 -7.82 -1.71
N ALA B 378 -1.60 -8.85 -0.90
CA ALA B 378 -2.18 -10.08 -1.41
C ALA B 378 -3.54 -9.84 -2.05
N ASN B 379 -4.39 -9.05 -1.38
CA ASN B 379 -5.61 -8.55 -1.98
C ASN B 379 -5.88 -7.17 -1.41
N GLU B 380 -7.03 -6.61 -1.78
CA GLU B 380 -7.31 -5.21 -1.48
C GLU B 380 -7.53 -4.94 0.01
N GLY B 381 -7.71 -5.97 0.83
CA GLY B 381 -7.98 -5.78 2.24
C GLY B 381 -6.83 -6.01 3.19
N PHE B 382 -5.68 -6.49 2.72
CA PHE B 382 -4.58 -6.82 3.61
C PHE B 382 -3.83 -5.57 4.10
N HIS B 383 -3.69 -4.58 3.22
CA HIS B 383 -2.75 -3.50 3.48
C HIS B 383 -3.25 -2.58 4.59
N GLU B 384 -4.57 -2.49 4.77
CA GLU B 384 -5.14 -1.69 5.85
C GLU B 384 -5.27 -2.49 7.14
N ALA B 385 -5.60 -3.77 7.04
CA ALA B 385 -5.67 -4.63 8.22
C ALA B 385 -4.32 -4.78 8.88
N VAL B 386 -3.23 -4.74 8.10
CA VAL B 386 -1.90 -4.80 8.70
C VAL B 386 -1.65 -3.58 9.58
N GLY B 387 -2.04 -2.40 9.11
CA GLY B 387 -1.83 -1.19 9.88
C GLY B 387 -2.78 -1.00 11.03
N GLU B 388 -3.97 -1.62 10.97
CA GLU B 388 -4.94 -1.43 12.05
C GLU B 388 -4.52 -2.13 13.34
N ILE B 389 -3.89 -3.30 13.26
CA ILE B 389 -3.58 -4.06 14.46
C ILE B 389 -2.48 -3.37 15.27
N MET B 390 -1.58 -2.64 14.62
CA MET B 390 -0.58 -1.87 15.36
C MET B 390 -1.24 -0.83 16.25
N SER B 391 -2.22 -0.10 15.71
CA SER B 391 -2.97 0.86 16.52
C SER B 391 -3.76 0.17 17.62
N LEU B 392 -4.30 -1.02 17.32
CA LEU B 392 -5.00 -1.78 18.34
C LEU B 392 -4.08 -2.11 19.51
N SER B 393 -2.85 -2.55 19.21
CA SER B 393 -1.92 -2.97 20.26
C SER B 393 -1.29 -1.81 20.99
N ALA B 394 -1.15 -0.65 20.34
CA ALA B 394 -0.41 0.47 20.91
C ALA B 394 -1.25 1.40 21.75
N ALA B 395 -2.49 1.03 22.09
CA ALA B 395 -3.38 1.88 22.85
C ALA B 395 -3.86 1.21 24.14
N THR B 396 -3.20 0.14 24.53
CA THR B 396 -3.54 -0.62 25.73
C THR B 396 -2.88 -0.01 26.96
N PRO B 397 -3.49 -0.16 28.14
CA PRO B 397 -2.88 0.43 29.35
C PRO B 397 -1.49 -0.09 29.67
N ASN B 398 -1.17 -1.34 29.29
CA ASN B 398 0.16 -1.86 29.57
C ASN B 398 1.24 -1.09 28.80
N HIS B 399 0.99 -0.82 27.52
CA HIS B 399 1.96 -0.08 26.72
C HIS B 399 2.14 1.34 27.23
N LEU B 400 1.03 2.00 27.58
CA LEU B 400 1.12 3.36 28.09
C LEU B 400 1.84 3.40 29.43
N LYS B 401 1.60 2.39 30.27
CA LYS B 401 2.25 2.33 31.58
C LYS B 401 3.74 2.06 31.43
N ASN B 402 4.13 1.24 30.45
CA ASN B 402 5.55 0.98 30.21
C ASN B 402 6.24 2.21 29.63
N ILE B 403 5.58 2.92 28.71
CA ILE B 403 6.20 4.07 28.07
C ILE B 403 6.47 5.18 29.09
N GLY B 404 5.49 5.46 29.94
CA GLY B 404 5.66 6.46 30.97
C GLY B 404 4.57 7.51 31.03
N LEU B 405 3.70 7.54 30.02
CA LEU B 405 2.64 8.52 29.99
C LEU B 405 1.55 8.26 31.02
N LEU B 406 1.55 7.09 31.66
CA LEU B 406 0.54 6.73 32.63
C LEU B 406 1.25 6.29 33.91
N PRO B 407 0.83 6.79 35.08
CA PRO B 407 1.57 6.47 36.29
C PRO B 407 1.48 4.99 36.61
N PRO B 408 2.52 4.42 37.23
CA PRO B 408 2.50 2.99 37.54
C PRO B 408 1.49 2.60 38.60
N SER B 409 0.95 3.56 39.36
CA SER B 409 -0.09 3.27 40.34
C SER B 409 -1.49 3.24 39.72
N PHE B 410 -1.57 3.16 38.39
CA PHE B 410 -2.85 3.15 37.71
C PHE B 410 -3.64 1.88 38.03
N PHE B 411 -4.96 2.02 38.07
CA PHE B 411 -5.87 0.91 38.32
C PHE B 411 -6.79 0.73 37.11
N GLU B 412 -6.92 -0.52 36.67
CA GLU B 412 -7.74 -0.84 35.51
C GLU B 412 -9.17 -1.15 35.99
N ASP B 413 -10.06 -0.17 35.81
CA ASP B 413 -11.45 -0.33 36.22
C ASP B 413 -12.26 -0.99 35.13
N SER B 414 -13.23 -1.82 35.53
CA SER B 414 -14.02 -2.57 34.56
C SER B 414 -15.04 -1.69 33.85
N GLU B 415 -15.55 -0.65 34.53
CA GLU B 415 -16.51 0.24 33.90
C GLU B 415 -15.90 0.96 32.71
N THR B 416 -14.64 1.39 32.85
CA THR B 416 -13.93 1.99 31.73
C THR B 416 -13.75 0.99 30.59
N GLU B 417 -13.53 -0.29 30.93
CA GLU B 417 -13.44 -1.32 29.91
C GLU B 417 -14.75 -1.45 29.15
N ILE B 418 -15.88 -1.42 29.86
CA ILE B 418 -17.18 -1.49 29.20
C ILE B 418 -17.39 -0.29 28.29
N ASN B 419 -17.00 0.91 28.77
CA ASN B 419 -17.12 2.11 27.95
C ASN B 419 -16.30 1.98 26.67
N PHE B 420 -15.05 1.52 26.80
CA PHE B 420 -14.16 1.35 25.65
C PHE B 420 -14.74 0.35 24.66
N LEU B 421 -15.24 -0.78 25.16
CA LEU B 421 -15.79 -1.80 24.28
C LEU B 421 -17.04 -1.31 23.58
N LEU B 422 -17.89 -0.56 24.26
CA LEU B 422 -19.09 -0.04 23.61
C LEU B 422 -18.73 0.95 22.52
N LYS B 423 -17.76 1.83 22.77
CA LYS B 423 -17.33 2.76 21.73
C LYS B 423 -16.77 2.02 20.52
N GLN B 424 -15.94 1.01 20.77
CA GLN B 424 -15.37 0.24 19.67
C GLN B 424 -16.46 -0.50 18.89
N ALA B 425 -17.47 -1.03 19.59
CA ALA B 425 -18.57 -1.71 18.92
C ALA B 425 -19.39 -0.75 18.07
N LEU B 426 -19.63 0.46 18.58
CA LEU B 426 -20.32 1.46 17.78
C LEU B 426 -19.53 1.82 16.54
N THR B 427 -18.20 1.84 16.65
CA THR B 427 -17.38 2.18 15.49
C THR B 427 -17.34 1.04 14.47
N ILE B 428 -17.26 -0.20 14.93
CA ILE B 428 -16.93 -1.32 14.05
C ILE B 428 -18.18 -2.11 13.67
N VAL B 429 -18.89 -2.65 14.67
CA VAL B 429 -19.99 -3.55 14.41
C VAL B 429 -21.13 -2.85 13.66
N GLY B 430 -21.29 -1.55 13.87
CA GLY B 430 -22.42 -0.83 13.32
C GLY B 430 -22.34 -0.56 11.83
N THR B 431 -21.21 -0.87 11.18
CA THR B 431 -21.05 -0.57 9.76
C THR B 431 -21.14 -1.80 8.87
N LEU B 432 -21.11 -3.01 9.43
CA LEU B 432 -21.17 -4.20 8.58
C LEU B 432 -22.49 -4.33 7.83
N PRO B 433 -23.67 -4.20 8.46
CA PRO B 433 -24.92 -4.31 7.69
C PRO B 433 -25.04 -3.27 6.59
N PHE B 434 -24.56 -2.05 6.83
CA PHE B 434 -24.60 -1.01 5.79
C PHE B 434 -23.82 -1.45 4.55
N THR B 435 -22.59 -1.91 4.74
CA THR B 435 -21.77 -2.33 3.61
C THR B 435 -22.39 -3.53 2.90
N TYR B 436 -22.86 -4.51 3.68
CA TYR B 436 -23.45 -5.70 3.07
C TYR B 436 -24.68 -5.34 2.24
N MET B 437 -25.55 -4.50 2.77
CA MET B 437 -26.75 -4.09 2.06
C MET B 437 -26.39 -3.32 0.79
N LEU B 438 -25.45 -2.37 0.88
CA LEU B 438 -25.11 -1.57 -0.29
C LEU B 438 -24.52 -2.43 -1.40
N GLU B 439 -23.59 -3.34 -1.03
CA GLU B 439 -22.98 -4.17 -2.05
C GLU B 439 -23.98 -5.15 -2.66
N LYS B 440 -24.88 -5.71 -1.83
CA LYS B 440 -25.88 -6.61 -2.36
C LYS B 440 -26.81 -5.88 -3.33
N TRP B 441 -27.23 -4.66 -2.98
CA TRP B 441 -28.10 -3.90 -3.87
C TRP B 441 -27.39 -3.57 -5.18
N ARG B 442 -26.13 -3.16 -5.12
CA ARG B 442 -25.41 -2.85 -6.35
C ARG B 442 -25.22 -4.08 -7.23
N TRP B 443 -24.90 -5.22 -6.62
CA TRP B 443 -24.76 -6.45 -7.39
C TRP B 443 -26.07 -6.84 -8.05
N MET B 444 -27.18 -6.76 -7.32
CA MET B 444 -28.46 -7.13 -7.90
C MET B 444 -28.90 -6.16 -8.99
N VAL B 445 -28.59 -4.88 -8.85
CA VAL B 445 -28.93 -3.91 -9.89
C VAL B 445 -28.10 -4.18 -11.15
N PHE B 446 -26.80 -4.42 -10.98
CA PHE B 446 -25.96 -4.69 -12.13
C PHE B 446 -26.37 -5.99 -12.84
N LYS B 447 -26.69 -7.02 -12.07
CA LYS B 447 -27.00 -8.33 -12.64
C LYS B 447 -28.30 -8.35 -13.44
N GLY B 448 -29.12 -7.31 -13.34
CA GLY B 448 -30.39 -7.30 -14.04
C GLY B 448 -31.52 -7.99 -13.33
N GLU B 449 -31.32 -8.40 -12.08
CA GLU B 449 -32.41 -9.04 -11.33
C GLU B 449 -33.46 -8.03 -10.91
N ILE B 450 -33.05 -6.79 -10.61
CA ILE B 450 -33.97 -5.76 -10.17
C ILE B 450 -34.48 -5.00 -11.39
N PRO B 451 -35.80 -4.94 -11.61
CA PRO B 451 -36.33 -4.15 -12.71
C PRO B 451 -36.04 -2.66 -12.51
N LYS B 452 -35.88 -1.96 -13.63
CA LYS B 452 -35.49 -0.55 -13.61
C LYS B 452 -36.53 0.35 -12.98
N ASP B 453 -37.78 -0.11 -12.83
CA ASP B 453 -38.86 0.69 -12.29
C ASP B 453 -39.10 0.47 -10.81
N GLN B 454 -38.27 -0.34 -10.15
CA GLN B 454 -38.46 -0.65 -8.73
C GLN B 454 -37.13 -0.56 -7.99
N TRP B 455 -36.39 0.53 -8.19
CA TRP B 455 -35.10 0.69 -7.53
C TRP B 455 -35.28 1.11 -6.08
N MET B 456 -36.01 2.20 -5.83
CA MET B 456 -36.14 2.73 -4.49
C MET B 456 -36.95 1.82 -3.58
N LYS B 457 -37.98 1.17 -4.14
CA LYS B 457 -38.78 0.23 -3.35
C LYS B 457 -37.90 -0.87 -2.80
N THR B 458 -37.10 -1.51 -3.66
CA THR B 458 -36.19 -2.55 -3.21
C THR B 458 -35.16 -2.00 -2.23
N TRP B 459 -34.64 -0.80 -2.50
CA TRP B 459 -33.65 -0.21 -1.61
C TRP B 459 -34.19 -0.08 -0.18
N TRP B 460 -35.37 0.51 -0.03
CA TRP B 460 -35.89 0.75 1.31
C TRP B 460 -36.44 -0.52 1.95
N GLU B 461 -36.99 -1.44 1.16
CA GLU B 461 -37.39 -2.72 1.73
C GLU B 461 -36.19 -3.48 2.27
N MET B 462 -35.08 -3.48 1.53
CA MET B 462 -33.88 -4.13 2.01
C MET B 462 -33.33 -3.44 3.25
N LYS B 463 -33.37 -2.10 3.29
CA LYS B 463 -32.96 -1.39 4.50
C LYS B 463 -33.78 -1.84 5.70
N ARG B 464 -35.11 -1.83 5.55
CA ARG B 464 -35.98 -2.23 6.66
C ARG B 464 -35.69 -3.65 7.10
N ASN B 465 -35.52 -4.57 6.14
CA ASN B 465 -35.39 -5.98 6.49
C ASN B 465 -34.04 -6.28 7.12
N ILE B 466 -32.97 -5.63 6.67
CA ILE B 466 -31.63 -6.02 7.10
C ILE B 466 -31.12 -5.11 8.20
N VAL B 467 -31.05 -3.80 7.94
CA VAL B 467 -30.37 -2.90 8.89
C VAL B 467 -31.34 -2.30 9.90
N GLY B 468 -32.64 -2.48 9.72
CA GLY B 468 -33.60 -1.96 10.66
C GLY B 468 -33.67 -0.44 10.71
N VAL B 469 -33.65 0.20 9.54
CA VAL B 469 -33.70 1.66 9.44
C VAL B 469 -34.79 2.02 8.42
N VAL B 470 -35.67 2.94 8.81
CA VAL B 470 -36.80 3.33 7.98
C VAL B 470 -36.67 4.79 7.60
N GLU B 471 -37.24 5.14 6.44
CA GLU B 471 -37.22 6.51 5.98
C GLU B 471 -38.21 7.36 6.77
N PRO B 472 -37.94 8.66 6.92
CA PRO B 472 -38.90 9.54 7.59
C PRO B 472 -39.95 10.09 6.62
N VAL B 473 -39.62 10.13 5.34
CA VAL B 473 -40.50 10.67 4.30
C VAL B 473 -40.54 9.69 3.14
N PRO B 474 -41.72 9.34 2.62
CA PRO B 474 -41.78 8.40 1.50
C PRO B 474 -41.17 8.99 0.23
N HIS B 475 -40.66 8.08 -0.61
CA HIS B 475 -40.00 8.44 -1.86
C HIS B 475 -40.52 7.58 -3.00
N ASP B 476 -40.71 8.22 -4.15
CA ASP B 476 -41.10 7.52 -5.37
C ASP B 476 -39.85 7.17 -6.16
N GLU B 477 -40.03 6.75 -7.42
CA GLU B 477 -38.92 6.33 -8.25
C GLU B 477 -38.21 7.48 -8.95
N THR B 478 -38.55 8.73 -8.63
CA THR B 478 -37.87 9.88 -9.20
C THR B 478 -36.63 10.28 -8.40
N TYR B 479 -36.36 9.63 -7.29
CA TYR B 479 -35.19 9.90 -6.47
C TYR B 479 -34.10 8.88 -6.76
N CYS B 480 -32.92 9.11 -6.15
CA CYS B 480 -31.82 8.16 -6.21
C CYS B 480 -31.01 8.34 -4.92
N ASP B 481 -31.30 7.50 -3.93
CA ASP B 481 -30.68 7.61 -2.61
C ASP B 481 -29.25 7.09 -2.58
N PRO B 482 -28.93 5.94 -3.19
CA PRO B 482 -27.53 5.46 -3.13
C PRO B 482 -26.52 6.43 -3.69
N ALA B 483 -26.89 7.21 -4.71
CA ALA B 483 -25.92 8.08 -5.38
C ALA B 483 -25.42 9.20 -4.49
N SER B 484 -26.10 9.48 -3.37
CA SER B 484 -25.65 10.54 -2.47
C SER B 484 -24.35 10.19 -1.75
N LEU B 485 -23.95 8.93 -1.76
CA LEU B 485 -22.69 8.53 -1.14
C LEU B 485 -21.51 8.81 -2.06
N PHE B 486 -20.34 8.99 -1.46
CA PHE B 486 -19.16 9.36 -2.23
C PHE B 486 -18.69 8.21 -3.11
N HIS B 487 -18.73 6.98 -2.60
CA HIS B 487 -18.20 5.83 -3.33
C HIS B 487 -19.13 5.34 -4.43
N VAL B 488 -20.36 5.85 -4.51
CA VAL B 488 -21.27 5.47 -5.57
C VAL B 488 -21.21 6.45 -6.74
N ALA B 489 -21.12 7.75 -6.45
CA ALA B 489 -21.01 8.74 -7.51
C ALA B 489 -19.70 8.56 -8.28
N ASN B 490 -18.61 8.33 -7.58
CA ASN B 490 -17.32 7.99 -8.19
C ASN B 490 -17.12 6.49 -8.06
N ASP B 491 -16.92 5.81 -9.18
CA ASP B 491 -16.95 4.35 -9.20
C ASP B 491 -15.84 3.74 -8.36
N TYR B 492 -16.19 3.20 -7.19
CA TYR B 492 -15.25 2.51 -6.33
C TYR B 492 -15.92 1.27 -5.75
N SER B 493 -15.15 0.20 -5.61
CA SER B 493 -15.64 -0.99 -4.94
C SER B 493 -15.79 -0.71 -3.44
N PHE B 494 -16.74 -1.42 -2.82
CA PHE B 494 -17.10 -1.15 -1.43
C PHE B 494 -17.00 -2.37 -0.53
N ILE B 495 -16.59 -3.53 -1.05
CA ILE B 495 -16.52 -4.74 -0.24
C ILE B 495 -15.21 -4.86 0.52
N ARG B 496 -14.31 -3.89 0.39
CA ARG B 496 -13.02 -3.97 1.06
C ARG B 496 -13.16 -3.99 2.57
N TYR B 497 -14.09 -3.20 3.11
CA TYR B 497 -14.12 -2.94 4.54
C TYR B 497 -14.57 -4.15 5.33
N TYR B 498 -15.56 -4.90 4.81
CA TYR B 498 -15.98 -6.15 5.43
C TYR B 498 -14.80 -7.10 5.60
N THR B 499 -14.07 -7.35 4.52
CA THR B 499 -12.95 -8.28 4.57
C THR B 499 -11.84 -7.76 5.48
N ARG B 500 -11.57 -6.46 5.45
CA ARG B 500 -10.55 -5.91 6.34
C ARG B 500 -10.93 -6.10 7.81
N THR B 501 -12.21 -5.86 8.14
CA THR B 501 -12.65 -6.01 9.51
C THR B 501 -12.51 -7.46 9.99
N ILE B 502 -12.80 -8.42 9.11
CA ILE B 502 -12.60 -9.83 9.50
C ILE B 502 -11.11 -10.14 9.65
N TYR B 503 -10.31 -9.72 8.67
CA TYR B 503 -8.90 -10.11 8.62
C TYR B 503 -8.12 -9.58 9.81
N GLN B 504 -8.42 -8.34 10.23
CA GLN B 504 -7.62 -7.74 11.31
C GLN B 504 -7.75 -8.53 12.60
N PHE B 505 -8.97 -8.96 12.94
CA PHE B 505 -9.15 -9.74 14.16
C PHE B 505 -8.64 -11.16 13.99
N GLN B 506 -8.73 -11.72 12.79
CA GLN B 506 -8.05 -13.00 12.53
C GLN B 506 -6.57 -12.92 12.90
N PHE B 507 -5.88 -11.93 12.34
CA PHE B 507 -4.44 -11.78 12.59
C PHE B 507 -4.16 -11.50 14.05
N GLN B 508 -4.99 -10.66 14.68
CA GLN B 508 -4.75 -10.30 16.07
C GLN B 508 -4.86 -11.51 16.99
N GLU B 509 -5.89 -12.33 16.80
CA GLU B 509 -6.00 -13.52 17.64
C GLU B 509 -4.83 -14.48 17.39
N ALA B 510 -4.44 -14.66 16.13
CA ALA B 510 -3.31 -15.55 15.86
C ALA B 510 -2.04 -15.07 16.56
N LEU B 511 -1.71 -13.78 16.42
CA LEU B 511 -0.49 -13.27 17.01
C LEU B 511 -0.55 -13.27 18.53
N CYS B 512 -1.70 -12.95 19.12
CA CYS B 512 -1.84 -13.00 20.57
C CYS B 512 -1.69 -14.42 21.10
N GLN B 513 -2.20 -15.42 20.36
CA GLN B 513 -1.95 -16.80 20.75
C GLN B 513 -0.46 -17.13 20.68
N ILE B 514 0.23 -16.64 19.64
CA ILE B 514 1.66 -16.92 19.52
C ILE B 514 2.44 -16.25 20.66
N ALA B 515 1.94 -15.13 21.19
CA ALA B 515 2.65 -14.41 22.22
C ALA B 515 2.44 -14.96 23.63
N LYS B 516 1.63 -16.00 23.78
CA LYS B 516 1.33 -16.61 25.09
C LYS B 516 0.75 -15.58 26.06
N HIS B 517 -0.41 -15.06 25.68
CA HIS B 517 -1.13 -14.08 26.48
C HIS B 517 -2.32 -14.74 27.16
N GLU B 518 -2.57 -14.29 28.41
CA GLU B 518 -3.65 -14.89 29.22
C GLU B 518 -4.69 -13.83 29.59
N GLY B 519 -5.97 -14.17 29.52
CA GLY B 519 -7.04 -13.26 29.84
C GLY B 519 -7.86 -12.87 28.63
N PRO B 520 -8.65 -11.81 28.77
CA PRO B 520 -9.46 -11.34 27.63
C PRO B 520 -8.58 -10.81 26.51
N LEU B 521 -9.09 -10.94 25.28
CA LEU B 521 -8.30 -10.63 24.10
C LEU B 521 -8.13 -9.13 23.88
N HIS B 522 -9.06 -8.30 24.36
CA HIS B 522 -8.96 -6.87 24.11
C HIS B 522 -7.85 -6.20 24.92
N LYS B 523 -7.21 -6.91 25.84
CA LYS B 523 -6.11 -6.39 26.62
C LYS B 523 -4.79 -7.05 26.22
N CYS B 524 -4.61 -7.26 24.92
CA CYS B 524 -3.44 -7.94 24.38
C CYS B 524 -2.41 -6.93 23.90
N ASP B 525 -1.14 -7.23 24.16
CA ASP B 525 -0.02 -6.44 23.65
C ASP B 525 1.05 -7.39 23.14
N ILE B 526 1.51 -7.16 21.91
CA ILE B 526 2.51 -8.01 21.30
C ILE B 526 3.91 -7.39 21.37
N SER B 527 4.09 -6.40 22.25
CA SER B 527 5.40 -5.78 22.41
C SER B 527 6.37 -6.75 23.09
N ASN B 528 7.64 -6.66 22.69
CA ASN B 528 8.71 -7.51 23.22
C ASN B 528 8.40 -8.99 23.01
N SER B 529 8.05 -9.33 21.77
CA SER B 529 7.78 -10.72 21.37
C SER B 529 8.37 -10.90 19.98
N SER B 530 9.61 -11.40 19.91
CA SER B 530 10.29 -11.51 18.64
C SER B 530 9.64 -12.57 17.74
N GLU B 531 9.07 -13.62 18.33
CA GLU B 531 8.40 -14.66 17.54
C GLU B 531 7.18 -14.11 16.83
N ALA B 532 6.39 -13.28 17.51
CA ALA B 532 5.17 -12.75 16.91
C ALA B 532 5.48 -11.89 15.69
N GLY B 533 6.44 -10.97 15.81
CA GLY B 533 6.81 -10.15 14.68
C GLY B 533 7.64 -10.88 13.65
N GLN B 534 8.28 -11.98 14.03
CA GLN B 534 9.04 -12.77 13.08
C GLN B 534 8.13 -13.63 12.20
N LYS B 535 7.00 -14.08 12.75
CA LYS B 535 6.05 -14.82 11.93
C LYS B 535 5.31 -13.91 10.96
N LEU B 536 5.02 -12.67 11.38
CA LEU B 536 4.26 -11.77 10.53
C LEU B 536 5.02 -11.36 9.29
N LEU B 537 6.35 -11.22 9.40
CA LEU B 537 7.14 -10.81 8.25
C LEU B 537 7.28 -11.91 7.20
N GLU B 538 6.85 -13.13 7.50
CA GLU B 538 6.88 -14.20 6.50
C GLU B 538 5.87 -13.93 5.39
N MET B 539 4.69 -13.45 5.73
CA MET B 539 3.68 -13.11 4.73
C MET B 539 3.91 -11.75 4.10
N LEU B 540 4.59 -10.83 4.80
CA LEU B 540 4.80 -9.50 4.25
C LEU B 540 5.76 -9.51 3.08
N LYS B 541 6.73 -10.43 3.08
CA LYS B 541 7.69 -10.53 1.99
C LYS B 541 7.09 -11.15 0.73
N LEU B 542 6.02 -11.92 0.86
CA LEU B 542 5.44 -12.59 -0.30
C LEU B 542 4.88 -11.59 -1.30
N GLY B 543 4.21 -10.55 -0.82
CA GLY B 543 3.57 -9.61 -1.73
C GLY B 543 2.44 -10.29 -2.48
N LYS B 544 2.42 -10.11 -3.79
CA LYS B 544 1.42 -10.71 -4.67
C LYS B 544 1.97 -11.88 -5.46
N SER B 545 3.09 -12.46 -5.02
CA SER B 545 3.73 -13.55 -5.76
C SER B 545 3.09 -14.90 -5.48
N LYS B 546 2.25 -15.01 -4.46
CA LYS B 546 1.54 -16.24 -4.13
C LYS B 546 0.10 -15.92 -3.75
N PRO B 547 -0.82 -16.86 -3.93
CA PRO B 547 -2.23 -16.56 -3.69
C PRO B 547 -2.47 -16.20 -2.23
N TRP B 548 -3.48 -15.35 -2.01
CA TRP B 548 -3.75 -14.87 -0.65
C TRP B 548 -4.20 -15.98 0.28
N THR B 549 -4.57 -17.15 -0.25
CA THR B 549 -4.82 -18.30 0.61
C THR B 549 -3.55 -18.73 1.33
N TYR B 550 -2.41 -18.72 0.62
CA TYR B 550 -1.12 -18.95 1.29
C TYR B 550 -0.89 -17.91 2.38
N ALA B 551 -1.15 -16.64 2.06
CA ALA B 551 -0.86 -15.56 3.01
C ALA B 551 -1.71 -15.72 4.27
N LEU B 552 -2.96 -16.12 4.12
CA LEU B 552 -3.80 -16.35 5.28
C LEU B 552 -3.39 -17.60 6.05
N GLU B 553 -3.08 -18.68 5.32
CA GLU B 553 -2.81 -19.96 5.98
C GLU B 553 -1.46 -19.96 6.70
N ILE B 554 -0.52 -19.13 6.26
CA ILE B 554 0.79 -19.09 6.91
C ILE B 554 0.66 -18.53 8.32
N VAL B 555 -0.18 -17.53 8.52
CA VAL B 555 -0.24 -16.82 9.79
C VAL B 555 -1.24 -17.47 10.74
N VAL B 556 -2.47 -17.71 10.28
CA VAL B 556 -3.54 -18.11 11.18
C VAL B 556 -3.78 -19.62 11.10
N GLY B 557 -3.44 -20.22 9.97
CA GLY B 557 -3.64 -21.65 9.78
C GLY B 557 -4.92 -22.04 9.08
N ALA B 558 -5.65 -21.09 8.51
CA ALA B 558 -6.88 -21.36 7.79
C ALA B 558 -6.85 -20.67 6.43
N LYS B 559 -7.63 -21.21 5.49
CA LYS B 559 -7.66 -20.72 4.12
C LYS B 559 -8.89 -19.91 3.80
N ASN B 560 -9.76 -19.64 4.77
CA ASN B 560 -10.99 -18.91 4.52
C ASN B 560 -11.26 -17.94 5.66
N MET B 561 -12.21 -17.04 5.41
CA MET B 561 -12.59 -16.07 6.43
C MET B 561 -13.31 -16.74 7.57
N ASP B 562 -13.10 -16.23 8.78
CA ASP B 562 -13.79 -16.71 9.97
C ASP B 562 -14.12 -15.53 10.85
N VAL B 563 -15.39 -15.43 11.28
CA VAL B 563 -15.82 -14.32 12.13
C VAL B 563 -15.74 -14.66 13.61
N ARG B 564 -15.30 -15.87 13.95
CA ARG B 564 -15.20 -16.26 15.35
C ARG B 564 -14.28 -15.36 16.18
N PRO B 565 -13.08 -14.97 15.72
CA PRO B 565 -12.25 -14.07 16.54
C PRO B 565 -12.93 -12.75 16.85
N LEU B 566 -13.68 -12.18 15.91
CA LEU B 566 -14.35 -10.90 16.16
C LEU B 566 -15.36 -11.02 17.29
N LEU B 567 -16.15 -12.10 17.29
CA LEU B 567 -17.09 -12.31 18.38
C LEU B 567 -16.38 -12.61 19.69
N ASN B 568 -15.23 -13.30 19.64
CA ASN B 568 -14.45 -13.51 20.83
C ASN B 568 -13.89 -12.20 21.39
N TYR B 569 -13.69 -11.22 20.52
CA TYR B 569 -13.16 -9.92 20.95
C TYR B 569 -14.17 -9.15 21.77
N PHE B 570 -15.46 -9.27 21.44
CA PHE B 570 -16.52 -8.50 22.08
C PHE B 570 -17.29 -9.31 23.11
N GLU B 571 -16.68 -10.36 23.66
CA GLU B 571 -17.41 -11.25 24.56
C GLU B 571 -17.90 -10.57 25.84
N PRO B 572 -17.08 -9.82 26.58
CA PRO B 572 -17.62 -9.14 27.77
C PRO B 572 -18.77 -8.20 27.45
N LEU B 573 -18.68 -7.48 26.34
CA LEU B 573 -19.77 -6.59 25.95
C LEU B 573 -21.01 -7.39 25.59
N PHE B 574 -20.84 -8.56 24.95
CA PHE B 574 -21.99 -9.40 24.67
C PHE B 574 -22.65 -9.89 25.95
N THR B 575 -21.85 -10.25 26.95
CA THR B 575 -22.42 -10.74 28.20
C THR B 575 -23.14 -9.64 28.96
N TRP B 576 -22.57 -8.42 28.96
CA TRP B 576 -23.22 -7.33 29.70
C TRP B 576 -24.43 -6.80 28.97
N LEU B 577 -24.37 -6.77 27.64
CA LEU B 577 -25.49 -6.25 26.86
C LEU B 577 -26.71 -7.14 26.97
N LYS B 578 -26.51 -8.45 27.15
CA LYS B 578 -27.64 -9.37 27.22
C LYS B 578 -28.46 -9.18 28.47
N GLU B 579 -27.86 -8.63 29.54
CA GLU B 579 -28.54 -8.55 30.83
C GLU B 579 -29.45 -7.34 30.94
N GLN B 580 -29.09 -6.22 30.33
CA GLN B 580 -29.88 -5.00 30.45
C GLN B 580 -31.07 -4.97 29.50
N ASN B 581 -31.27 -6.01 28.70
CA ASN B 581 -32.39 -6.08 27.78
C ASN B 581 -33.53 -6.96 28.29
N ARG B 582 -33.51 -7.34 29.57
CA ARG B 582 -34.54 -8.22 30.11
C ARG B 582 -35.94 -7.65 29.93
N ASN B 583 -36.14 -6.41 30.37
CA ASN B 583 -37.44 -5.74 30.23
C ASN B 583 -37.50 -4.90 28.96
N SER B 584 -37.20 -5.53 27.84
CA SER B 584 -37.22 -4.87 26.54
C SER B 584 -37.51 -5.90 25.46
N PHE B 585 -37.71 -5.42 24.24
CA PHE B 585 -38.03 -6.28 23.11
C PHE B 585 -36.86 -6.25 22.12
N VAL B 586 -36.40 -7.44 21.73
CA VAL B 586 -35.30 -7.57 20.79
C VAL B 586 -35.87 -7.91 19.42
N GLY B 587 -35.50 -7.12 18.41
CA GLY B 587 -36.03 -7.27 17.07
C GLY B 587 -36.84 -6.05 16.67
N TRP B 588 -37.26 -6.07 15.40
CA TRP B 588 -38.03 -4.96 14.86
C TRP B 588 -39.04 -5.48 13.85
N ASN B 589 -40.23 -4.89 13.86
CA ASN B 589 -41.29 -5.23 12.93
C ASN B 589 -41.38 -4.13 11.88
N THR B 590 -41.27 -4.52 10.61
CA THR B 590 -41.21 -3.55 9.50
C THR B 590 -42.61 -3.23 8.99
N ASP B 591 -43.48 -2.85 9.93
CA ASP B 591 -44.81 -2.34 9.60
C ASP B 591 -45.03 -0.97 10.21
N TRP B 592 -44.06 -0.44 10.95
CA TRP B 592 -44.19 0.87 11.58
C TRP B 592 -43.42 1.91 10.77
N SER B 593 -44.11 2.97 10.37
CA SER B 593 -43.53 4.07 9.63
C SER B 593 -43.96 5.38 10.29
N PRO B 594 -43.04 6.34 10.43
CA PRO B 594 -43.38 7.58 11.12
C PRO B 594 -44.07 8.61 10.23
N TYR B 595 -45.03 8.16 9.42
CA TYR B 595 -45.92 9.10 8.75
C TYR B 595 -47.32 8.50 8.65
N ALA B 596 -47.54 7.38 9.36
CA ALA B 596 -48.83 6.72 9.32
C ALA B 596 -49.94 7.60 9.90
N ASP B 597 -49.60 8.43 10.87
CA ASP B 597 -50.57 9.33 11.48
C ASP B 597 -49.92 10.64 11.90
#